data_1N0K
# 
_entry.id   1N0K 
# 
_audit_conform.dict_name       mmcif_pdbx.dic 
_audit_conform.dict_version    5.392 
_audit_conform.dict_location   http://mmcif.pdb.org/dictionaries/ascii/mmcif_pdbx.dic 
# 
loop_
_database_2.database_id 
_database_2.database_code 
_database_2.pdbx_database_accession 
_database_2.pdbx_DOI 
PDB   1N0K         pdb_00001n0k 10.2210/pdb1n0k/pdb 
RCSB  RCSB017368   ?            ?                   
WWPDB D_1000017368 ?            ?                   
# 
loop_
_pdbx_audit_revision_history.ordinal 
_pdbx_audit_revision_history.data_content_type 
_pdbx_audit_revision_history.major_revision 
_pdbx_audit_revision_history.minor_revision 
_pdbx_audit_revision_history.revision_date 
1 'Structure model' 1 0 2003-01-07 
2 'Structure model' 1 1 2008-04-28 
3 'Structure model' 1 2 2011-07-13 
4 'Structure model' 1 3 2022-02-23 
5 'Structure model' 1 4 2024-05-22 
# 
_pdbx_audit_revision_details.ordinal             1 
_pdbx_audit_revision_details.revision_ordinal    1 
_pdbx_audit_revision_details.data_content_type   'Structure model' 
_pdbx_audit_revision_details.provider            repository 
_pdbx_audit_revision_details.type                'Initial release' 
_pdbx_audit_revision_details.description         ? 
_pdbx_audit_revision_details.details             ? 
# 
loop_
_pdbx_audit_revision_group.ordinal 
_pdbx_audit_revision_group.revision_ordinal 
_pdbx_audit_revision_group.data_content_type 
_pdbx_audit_revision_group.group 
1 2 'Structure model' 'Version format compliance' 
2 3 'Structure model' 'Version format compliance' 
3 4 'Structure model' 'Database references'       
4 4 'Structure model' 'Derived calculations'      
5 5 'Structure model' 'Data collection'           
# 
loop_
_pdbx_audit_revision_category.ordinal 
_pdbx_audit_revision_category.revision_ordinal 
_pdbx_audit_revision_category.data_content_type 
_pdbx_audit_revision_category.category 
1 4 'Structure model' database_2            
2 4 'Structure model' pdbx_struct_assembly  
3 4 'Structure model' pdbx_struct_oper_list 
4 4 'Structure model' struct_conn           
5 4 'Structure model' struct_site           
6 5 'Structure model' chem_comp_atom        
7 5 'Structure model' chem_comp_bond        
# 
loop_
_pdbx_audit_revision_item.ordinal 
_pdbx_audit_revision_item.revision_ordinal 
_pdbx_audit_revision_item.data_content_type 
_pdbx_audit_revision_item.item 
1 4 'Structure model' '_database_2.pdbx_DOI'                
2 4 'Structure model' '_database_2.pdbx_database_accession' 
3 4 'Structure model' '_struct_conn.pdbx_leaving_atom_flag' 
4 4 'Structure model' '_struct_site.pdbx_auth_asym_id'      
5 4 'Structure model' '_struct_site.pdbx_auth_comp_id'      
6 4 'Structure model' '_struct_site.pdbx_auth_seq_id'       
# 
_pdbx_database_status.status_code                     REL 
_pdbx_database_status.entry_id                        1N0K 
_pdbx_database_status.recvd_initial_deposition_date   2002-10-14 
_pdbx_database_status.deposit_site                    RCSB 
_pdbx_database_status.process_site                    RCSB 
_pdbx_database_status.SG_entry                        . 
_pdbx_database_status.pdb_format_compatible           Y 
_pdbx_database_status.status_code_mr                  ? 
_pdbx_database_status.status_code_sf                  ? 
_pdbx_database_status.status_code_cs                  ? 
_pdbx_database_status.status_code_nmr_data            ? 
_pdbx_database_status.methods_development_category    ? 
# 
loop_
_pdbx_database_related.db_name 
_pdbx_database_related.db_id 
_pdbx_database_related.details 
_pdbx_database_related.content_type 
PDB 1N0O 'This entry is the ensemble model for PDB ENTRY 1N0K' unspecified 
PDB 1G5K 
'ENSEMBLE: 1G5K is the structure of the oligonucleotide containing the phosphoglycolate lesion without the bleomycin bound.' 
unspecified 
PDB 1GJ1 'Minimized average structure: NMR STRUCTURE OF AN OLIGONUCLEOTIDE CONTAINING A PHOSPHOGLYCOLATE LESION' unspecified 
# 
loop_
_audit_author.name 
_audit_author.pdbx_ordinal 
'Junker, H.-D.' 1 
'Hoehn, S.T.'   2 
'Bunt, R.C.'    3 
'Marathius, V.' 4 
'Chen, J.'      5 
'Turner, C.J.'  6 
'Stubbe, J.'    7 
# 
_citation.id                        primary 
_citation.title                     
;Synthesis, Characterization and Solution Structure of Tethered Oligonucleotides Containing an Internal 3'-Phosphoglycolate, 5'-Phosphate Gapped Lesion
;
_citation.journal_abbrev            'Nucleic Acids Res.' 
_citation.journal_volume            30 
_citation.page_first                5497 
_citation.page_last                 5508 
_citation.year                      2002 
_citation.journal_id_ASTM           NARHAD 
_citation.country                   UK 
_citation.journal_id_ISSN           0305-1048 
_citation.journal_id_CSD            0389 
_citation.book_publisher            ? 
_citation.pdbx_database_id_PubMed   12490718 
_citation.pdbx_database_id_DOI      10.1093/nar/gkf681 
# 
loop_
_citation_author.citation_id 
_citation_author.name 
_citation_author.ordinal 
_citation_author.identifier_ORCID 
primary 'Junker, H.-D.' 1 ? 
primary 'Hoehn, S.T.'   2 ? 
primary 'Bunt, R.C.'    3 ? 
primary 'Marathius, V.' 4 ? 
primary 'Chen, J.'      5 ? 
primary 'Turner, C.J.'  6 ? 
primary 'Stubbe, J.'    7 ? 
# 
loop_
_entity.id 
_entity.type 
_entity.src_method 
_entity.pdbx_description 
_entity.formula_weight 
_entity.pdbx_number_of_molecules 
_entity.pdbx_ec 
_entity.pdbx_mutation 
_entity.pdbx_fragment 
_entity.details 
1 polymer     syn "5'-D(*CP*CP*AP*AP*GP*G)-3'"                      1818.231 1 ? ? ? ? 
2 polymer     syn "5'-D(P*CP*TP*TP*GP*GP*G)-3'"                     1840.227 1 ? ? ? ? 
3 polymer     syn "5'-D(*CP*CP*CP*AP*AP*GP*GP*CP*CP*TP*TP*GP*G)-3'" 3952.574 1 ? ? ? ? 
4 non-polymer man '2-PHOSPHOGLYCOLIC ACID'                          156.031  1 ? ? ? ? 
# 
loop_
_entity_poly.entity_id 
_entity_poly.type 
_entity_poly.nstd_linkage 
_entity_poly.nstd_monomer 
_entity_poly.pdbx_seq_one_letter_code 
_entity_poly.pdbx_seq_one_letter_code_can 
_entity_poly.pdbx_strand_id 
_entity_poly.pdbx_target_identifier 
1 polydeoxyribonucleotide no no '(DC)(DC)(DA)(DA)(DG)(DG)'                             CCAAGG        A ? 
2 polydeoxyribonucleotide no no '(DC)(DT)(DT)(DG)(DG)(DG)'                             CTTGGG        B ? 
3 polydeoxyribonucleotide no no '(DC)(DC)(DC)(DA)(DA)(DG)(DG)(DC)(DC)(DT)(DT)(DG)(DG)' CCCAAGGCCTTGG C ? 
# 
_pdbx_entity_nonpoly.entity_id   4 
_pdbx_entity_nonpoly.name        '2-PHOSPHOGLYCOLIC ACID' 
_pdbx_entity_nonpoly.comp_id     PGA 
# 
loop_
_entity_poly_seq.entity_id 
_entity_poly_seq.num 
_entity_poly_seq.mon_id 
_entity_poly_seq.hetero 
1 1  DC n 
1 2  DC n 
1 3  DA n 
1 4  DA n 
1 5  DG n 
1 6  DG n 
2 1  DC n 
2 2  DT n 
2 3  DT n 
2 4  DG n 
2 5  DG n 
2 6  DG n 
3 1  DC n 
3 2  DC n 
3 3  DC n 
3 4  DA n 
3 5  DA n 
3 6  DG n 
3 7  DG n 
3 8  DC n 
3 9  DC n 
3 10 DT n 
3 11 DT n 
3 12 DG n 
3 13 DG n 
# 
loop_
_chem_comp.id 
_chem_comp.type 
_chem_comp.mon_nstd_flag 
_chem_comp.name 
_chem_comp.pdbx_synonyms 
_chem_comp.formula 
_chem_comp.formula_weight 
DA  'DNA linking' y "2'-DEOXYADENOSINE-5'-MONOPHOSPHATE" ? 'C10 H14 N5 O6 P' 331.222 
DC  'DNA linking' y "2'-DEOXYCYTIDINE-5'-MONOPHOSPHATE"  ? 'C9 H14 N3 O7 P'  307.197 
DG  'DNA linking' y "2'-DEOXYGUANOSINE-5'-MONOPHOSPHATE" ? 'C10 H14 N5 O7 P' 347.221 
DT  'DNA linking' y "THYMIDINE-5'-MONOPHOSPHATE"         ? 'C10 H15 N2 O8 P' 322.208 
PGA non-polymer   . '2-PHOSPHOGLYCOLIC ACID'             ? 'C2 H5 O6 P'      156.031 
# 
loop_
_pdbx_poly_seq_scheme.asym_id 
_pdbx_poly_seq_scheme.entity_id 
_pdbx_poly_seq_scheme.seq_id 
_pdbx_poly_seq_scheme.mon_id 
_pdbx_poly_seq_scheme.ndb_seq_num 
_pdbx_poly_seq_scheme.pdb_seq_num 
_pdbx_poly_seq_scheme.auth_seq_num 
_pdbx_poly_seq_scheme.pdb_mon_id 
_pdbx_poly_seq_scheme.auth_mon_id 
_pdbx_poly_seq_scheme.pdb_strand_id 
_pdbx_poly_seq_scheme.pdb_ins_code 
_pdbx_poly_seq_scheme.hetero 
A 1 1  DC 1  1  1  DC C A . n 
A 1 2  DC 2  2  2  DC C A . n 
A 1 3  DA 3  3  3  DA A A . n 
A 1 4  DA 4  4  4  DA A A . n 
A 1 5  DG 5  5  5  DG G A . n 
A 1 6  DG 6  6  6  DG G A . n 
B 2 1  DC 1  8  7  DC C B . n 
B 2 2  DT 2  9  9  DT T B . n 
B 2 3  DT 3  10 10 DT T B . n 
B 2 4  DG 4  11 11 DG G B . n 
B 2 5  DG 5  12 12 DG G B . n 
B 2 6  DG 6  13 13 DG G B . n 
C 3 1  DC 1  14 14 DC C C . n 
C 3 2  DC 2  15 15 DC C C . n 
C 3 3  DC 3  16 16 DC C C . n 
C 3 4  DA 4  17 17 DA A C . n 
C 3 5  DA 5  18 18 DA A C . n 
C 3 6  DG 6  19 19 DG G C . n 
C 3 7  DG 7  20 20 DG G C . n 
C 3 8  DC 8  21 21 DC C C . n 
C 3 9  DC 9  22 22 DC C C . n 
C 3 10 DT 10 23 23 DT T C . n 
C 3 11 DT 11 24 24 DT T C . n 
C 3 12 DG 12 25 25 DG G C . n 
C 3 13 DG 13 26 26 DG G C . n 
# 
_pdbx_nonpoly_scheme.asym_id         D 
_pdbx_nonpoly_scheme.entity_id       4 
_pdbx_nonpoly_scheme.mon_id          PGA 
_pdbx_nonpoly_scheme.ndb_seq_num     1 
_pdbx_nonpoly_scheme.pdb_seq_num     7 
_pdbx_nonpoly_scheme.auth_seq_num    7 
_pdbx_nonpoly_scheme.pdb_mon_id      PGA 
_pdbx_nonpoly_scheme.auth_mon_id     C 
_pdbx_nonpoly_scheme.pdb_strand_id   A 
_pdbx_nonpoly_scheme.pdb_ins_code    . 
# 
_exptl.entry_id          1N0K 
_exptl.method            'SOLUTION NMR' 
_exptl.crystals_number   ? 
# 
_exptl_crystal.id                    1 
_exptl_crystal.density_meas          ? 
_exptl_crystal.density_Matthews      ? 
_exptl_crystal.density_percent_sol   ? 
_exptl_crystal.description           ? 
# 
_diffrn.id                     1 
_diffrn.ambient_temp           ? 
_diffrn.ambient_temp_details   ? 
_diffrn.crystal_id             1 
# 
_diffrn_radiation.diffrn_id                        1 
_diffrn_radiation.wavelength_id                    1 
_diffrn_radiation.pdbx_monochromatic_or_laue_m_l   M 
_diffrn_radiation.monochromator                    ? 
_diffrn_radiation.pdbx_diffrn_protocol             'SINGLE WAVELENGTH' 
_diffrn_radiation.pdbx_scattering_type             ? 
# 
_diffrn_radiation_wavelength.id           1 
_diffrn_radiation_wavelength.wavelength   . 
_diffrn_radiation_wavelength.wt           1.0 
# 
_struct.entry_id                  1N0K 
_struct.title                     
;NMR Structure of duplex DNA d(CCAAGGXCTTGGG), X is a 3' phosphoglycolate, 5'phosphate gapped lesion
;
_struct.pdbx_model_details        ? 
_struct.pdbx_CASP_flag            ? 
_struct.pdbx_model_type_details   'minimized average' 
# 
_struct_keywords.entry_id        1N0K 
_struct_keywords.pdbx_keywords   DNA 
_struct_keywords.text            'DNA, bleomycin, phosphoglycolate' 
# 
loop_
_struct_asym.id 
_struct_asym.pdbx_blank_PDB_chainid_flag 
_struct_asym.pdbx_modified 
_struct_asym.entity_id 
_struct_asym.details 
A N N 1 ? 
B N N 2 ? 
C N N 3 ? 
D N N 4 ? 
# 
loop_
_struct_ref.id 
_struct_ref.entity_id 
_struct_ref.db_name 
_struct_ref.db_code 
_struct_ref.pdbx_db_accession 
_struct_ref.pdbx_db_isoform 
_struct_ref.pdbx_seq_one_letter_code 
_struct_ref.pdbx_align_begin 
1 1 PDB 1N0K 1N0K ? ? ? 
2 2 PDB 1N0K 1N0K ? ? ? 
3 3 PDB 1N0K 1N0K ? ? ? 
# 
loop_
_struct_ref_seq.align_id 
_struct_ref_seq.ref_id 
_struct_ref_seq.pdbx_PDB_id_code 
_struct_ref_seq.pdbx_strand_id 
_struct_ref_seq.seq_align_beg 
_struct_ref_seq.pdbx_seq_align_beg_ins_code 
_struct_ref_seq.seq_align_end 
_struct_ref_seq.pdbx_seq_align_end_ins_code 
_struct_ref_seq.pdbx_db_accession 
_struct_ref_seq.db_align_beg 
_struct_ref_seq.pdbx_db_align_beg_ins_code 
_struct_ref_seq.db_align_end 
_struct_ref_seq.pdbx_db_align_end_ins_code 
_struct_ref_seq.pdbx_auth_seq_align_beg 
_struct_ref_seq.pdbx_auth_seq_align_end 
1 1 1N0K A 1 ? 6  ? 1N0K 1  ? 6  ? 1  6  
2 2 1N0K B 1 ? 6  ? 1N0K 8  ? 13 ? 8  13 
3 3 1N0K C 1 ? 13 ? 1N0K 14 ? 26 ? 14 26 
# 
_pdbx_struct_assembly.id                   1 
_pdbx_struct_assembly.details              author_defined_assembly 
_pdbx_struct_assembly.method_details       ? 
_pdbx_struct_assembly.oligomeric_details   trimeric 
_pdbx_struct_assembly.oligomeric_count     3 
# 
_pdbx_struct_assembly_gen.assembly_id       1 
_pdbx_struct_assembly_gen.oper_expression   1 
_pdbx_struct_assembly_gen.asym_id_list      A,B,C,D 
# 
_pdbx_struct_oper_list.id                   1 
_pdbx_struct_oper_list.type                 'identity operation' 
_pdbx_struct_oper_list.name                 1_555 
_pdbx_struct_oper_list.symmetry_operation   x,y,z 
_pdbx_struct_oper_list.matrix[1][1]         1.0000000000 
_pdbx_struct_oper_list.matrix[1][2]         0.0000000000 
_pdbx_struct_oper_list.matrix[1][3]         0.0000000000 
_pdbx_struct_oper_list.vector[1]            0.0000000000 
_pdbx_struct_oper_list.matrix[2][1]         0.0000000000 
_pdbx_struct_oper_list.matrix[2][2]         1.0000000000 
_pdbx_struct_oper_list.matrix[2][3]         0.0000000000 
_pdbx_struct_oper_list.vector[2]            0.0000000000 
_pdbx_struct_oper_list.matrix[3][1]         0.0000000000 
_pdbx_struct_oper_list.matrix[3][2]         0.0000000000 
_pdbx_struct_oper_list.matrix[3][3]         1.0000000000 
_pdbx_struct_oper_list.vector[3]            0.0000000000 
# 
_struct_biol.id   1 
# 
loop_
_struct_conn.id 
_struct_conn.conn_type_id 
_struct_conn.pdbx_leaving_atom_flag 
_struct_conn.pdbx_PDB_id 
_struct_conn.ptnr1_label_asym_id 
_struct_conn.ptnr1_label_comp_id 
_struct_conn.ptnr1_label_seq_id 
_struct_conn.ptnr1_label_atom_id 
_struct_conn.pdbx_ptnr1_label_alt_id 
_struct_conn.pdbx_ptnr1_PDB_ins_code 
_struct_conn.pdbx_ptnr1_standard_comp_id 
_struct_conn.ptnr1_symmetry 
_struct_conn.ptnr2_label_asym_id 
_struct_conn.ptnr2_label_comp_id 
_struct_conn.ptnr2_label_seq_id 
_struct_conn.ptnr2_label_atom_id 
_struct_conn.pdbx_ptnr2_label_alt_id 
_struct_conn.pdbx_ptnr2_PDB_ins_code 
_struct_conn.ptnr1_auth_asym_id 
_struct_conn.ptnr1_auth_comp_id 
_struct_conn.ptnr1_auth_seq_id 
_struct_conn.ptnr2_auth_asym_id 
_struct_conn.ptnr2_auth_comp_id 
_struct_conn.ptnr2_auth_seq_id 
_struct_conn.ptnr2_symmetry 
_struct_conn.pdbx_ptnr3_label_atom_id 
_struct_conn.pdbx_ptnr3_label_seq_id 
_struct_conn.pdbx_ptnr3_label_comp_id 
_struct_conn.pdbx_ptnr3_label_asym_id 
_struct_conn.pdbx_ptnr3_label_alt_id 
_struct_conn.pdbx_ptnr3_PDB_ins_code 
_struct_conn.details 
_struct_conn.pdbx_dist_value 
_struct_conn.pdbx_value_order 
_struct_conn.pdbx_role 
covale1  covale one ? A DG 6 "O3'" ? ? ? 1_555 D PGA .  P  ? ? A DG 6  A PGA 7  1_555 ? ? ? ? ? ? ?                       1.621 ? 
? 
hydrog1  hydrog ?   ? A DC 1 N3    ? ? ? 1_555 C DG  13 N2 ? ? A DC 1  C DG  26 1_555 ? ? ? ? ? ? 'REVERSED WATSON-CRICK' ?     ? 
? 
hydrog2  hydrog ?   ? A DC 1 O2    ? ? ? 1_555 C DG  13 N1 ? ? A DC 1  C DG  26 1_555 ? ? ? ? ? ? 'REVERSED WATSON-CRICK' ?     ? 
? 
hydrog3  hydrog ?   ? A DC 2 N3    ? ? ? 1_555 C DG  12 N1 ? ? A DC 2  C DG  25 1_555 ? ? ? ? ? ? WATSON-CRICK            ?     ? 
? 
hydrog4  hydrog ?   ? A DC 2 N4    ? ? ? 1_555 C DG  12 O6 ? ? A DC 2  C DG  25 1_555 ? ? ? ? ? ? WATSON-CRICK            ?     ? 
? 
hydrog5  hydrog ?   ? A DC 2 O2    ? ? ? 1_555 C DG  12 N2 ? ? A DC 2  C DG  25 1_555 ? ? ? ? ? ? WATSON-CRICK            ?     ? 
? 
hydrog6  hydrog ?   ? A DA 3 N1    ? ? ? 1_555 C DT  11 N3 ? ? A DA 3  C DT  24 1_555 ? ? ? ? ? ? WATSON-CRICK            ?     ? 
? 
hydrog7  hydrog ?   ? A DA 3 N6    ? ? ? 1_555 C DT  11 O4 ? ? A DA 3  C DT  24 1_555 ? ? ? ? ? ? WATSON-CRICK            ?     ? 
? 
hydrog8  hydrog ?   ? A DA 4 N1    ? ? ? 1_555 C DT  10 N3 ? ? A DA 4  C DT  23 1_555 ? ? ? ? ? ? WATSON-CRICK            ?     ? 
? 
hydrog9  hydrog ?   ? A DA 4 N6    ? ? ? 1_555 C DT  10 O4 ? ? A DA 4  C DT  23 1_555 ? ? ? ? ? ? WATSON-CRICK            ?     ? 
? 
hydrog10 hydrog ?   ? A DG 5 N1    ? ? ? 1_555 C DC  9  N3 ? ? A DG 5  C DC  22 1_555 ? ? ? ? ? ? WATSON-CRICK            ?     ? 
? 
hydrog11 hydrog ?   ? A DG 5 N2    ? ? ? 1_555 C DC  9  O2 ? ? A DG 5  C DC  22 1_555 ? ? ? ? ? ? WATSON-CRICK            ?     ? 
? 
hydrog12 hydrog ?   ? A DG 5 O6    ? ? ? 1_555 C DC  9  N4 ? ? A DG 5  C DC  22 1_555 ? ? ? ? ? ? WATSON-CRICK            ?     ? 
? 
hydrog13 hydrog ?   ? A DG 6 N1    ? ? ? 1_555 C DC  8  N3 ? ? A DG 6  C DC  21 1_555 ? ? ? ? ? ? WATSON-CRICK            ?     ? 
? 
hydrog14 hydrog ?   ? A DG 6 N2    ? ? ? 1_555 C DC  8  O2 ? ? A DG 6  C DC  21 1_555 ? ? ? ? ? ? WATSON-CRICK            ?     ? 
? 
hydrog15 hydrog ?   ? A DG 6 O6    ? ? ? 1_555 C DC  8  N4 ? ? A DG 6  C DC  21 1_555 ? ? ? ? ? ? WATSON-CRICK            ?     ? 
? 
hydrog16 hydrog ?   ? B DC 1 N3    ? ? ? 1_555 C DG  6  N1 ? ? B DC 8  C DG  19 1_555 ? ? ? ? ? ? WATSON-CRICK            ?     ? 
? 
hydrog17 hydrog ?   ? B DC 1 N4    ? ? ? 1_555 C DG  6  O6 ? ? B DC 8  C DG  19 1_555 ? ? ? ? ? ? WATSON-CRICK            ?     ? 
? 
hydrog18 hydrog ?   ? B DC 1 O2    ? ? ? 1_555 C DG  6  N2 ? ? B DC 8  C DG  19 1_555 ? ? ? ? ? ? WATSON-CRICK            ?     ? 
? 
hydrog19 hydrog ?   ? B DT 2 N3    ? ? ? 1_555 C DA  5  N1 ? ? B DT 9  C DA  18 1_555 ? ? ? ? ? ? WATSON-CRICK            ?     ? 
? 
hydrog20 hydrog ?   ? B DT 2 O4    ? ? ? 1_555 C DA  5  N6 ? ? B DT 9  C DA  18 1_555 ? ? ? ? ? ? WATSON-CRICK            ?     ? 
? 
hydrog21 hydrog ?   ? B DT 3 O4    ? ? ? 1_555 C DC  3  N4 ? ? B DT 10 C DC  16 1_555 ? ? ? ? ? ? 'DT-DC MISPAIR'         ?     ? 
? 
hydrog22 hydrog ?   ? B DT 3 N3    ? ? ? 1_555 C DA  4  N1 ? ? B DT 10 C DA  17 1_555 ? ? ? ? ? ? WATSON-CRICK            ?     ? 
? 
hydrog23 hydrog ?   ? B DT 3 O4    ? ? ? 1_555 C DA  4  N6 ? ? B DT 10 C DA  17 1_555 ? ? ? ? ? ? WATSON-CRICK            ?     ? 
? 
hydrog24 hydrog ?   ? B DG 4 N1    ? ? ? 1_555 C DC  3  N3 ? ? B DG 11 C DC  16 1_555 ? ? ? ? ? ? WATSON-CRICK            ?     ? 
? 
hydrog25 hydrog ?   ? B DG 4 N2    ? ? ? 1_555 C DC  3  O2 ? ? B DG 11 C DC  16 1_555 ? ? ? ? ? ? WATSON-CRICK            ?     ? 
? 
hydrog26 hydrog ?   ? B DG 4 O6    ? ? ? 1_555 C DC  3  N4 ? ? B DG 11 C DC  16 1_555 ? ? ? ? ? ? WATSON-CRICK            ?     ? 
? 
hydrog27 hydrog ?   ? B DG 5 N1    ? ? ? 1_555 C DC  2  N3 ? ? B DG 12 C DC  15 1_555 ? ? ? ? ? ? WATSON-CRICK            ?     ? 
? 
hydrog28 hydrog ?   ? B DG 5 N2    ? ? ? 1_555 C DC  2  O2 ? ? B DG 12 C DC  15 1_555 ? ? ? ? ? ? WATSON-CRICK            ?     ? 
? 
hydrog29 hydrog ?   ? B DG 5 O6    ? ? ? 1_555 C DC  2  N4 ? ? B DG 12 C DC  15 1_555 ? ? ? ? ? ? WATSON-CRICK            ?     ? 
? 
hydrog30 hydrog ?   ? B DG 6 N1    ? ? ? 1_555 C DC  1  N3 ? ? B DG 13 C DC  14 1_555 ? ? ? ? ? ? WATSON-CRICK            ?     ? 
? 
hydrog31 hydrog ?   ? B DG 6 N2    ? ? ? 1_555 C DC  1  O2 ? ? B DG 13 C DC  14 1_555 ? ? ? ? ? ? WATSON-CRICK            ?     ? 
? 
hydrog32 hydrog ?   ? B DG 6 O6    ? ? ? 1_555 C DC  1  N4 ? ? B DG 13 C DC  14 1_555 ? ? ? ? ? ? WATSON-CRICK            ?     ? 
? 
# 
loop_
_struct_conn_type.id 
_struct_conn_type.criteria 
_struct_conn_type.reference 
covale ? ? 
hydrog ? ? 
# 
_struct_site.id                   AC1 
_struct_site.pdbx_evidence_code   Software 
_struct_site.pdbx_auth_asym_id    A 
_struct_site.pdbx_auth_comp_id    PGA 
_struct_site.pdbx_auth_seq_id     7 
_struct_site.pdbx_auth_ins_code   ? 
_struct_site.pdbx_num_residues    1 
_struct_site.details              'BINDING SITE FOR RESIDUE PGA A 7' 
# 
_struct_site_gen.id                   1 
_struct_site_gen.site_id              AC1 
_struct_site_gen.pdbx_num_res         1 
_struct_site_gen.label_comp_id        DG 
_struct_site_gen.label_asym_id        A 
_struct_site_gen.label_seq_id         6 
_struct_site_gen.pdbx_auth_ins_code   ? 
_struct_site_gen.auth_comp_id         DG 
_struct_site_gen.auth_asym_id         A 
_struct_site_gen.auth_seq_id          6 
_struct_site_gen.label_atom_id        . 
_struct_site_gen.label_alt_id         ? 
_struct_site_gen.symmetry             1_555 
_struct_site_gen.details              ? 
# 
loop_
_pdbx_validate_close_contact.id 
_pdbx_validate_close_contact.PDB_model_num 
_pdbx_validate_close_contact.auth_atom_id_1 
_pdbx_validate_close_contact.auth_asym_id_1 
_pdbx_validate_close_contact.auth_comp_id_1 
_pdbx_validate_close_contact.auth_seq_id_1 
_pdbx_validate_close_contact.PDB_ins_code_1 
_pdbx_validate_close_contact.label_alt_id_1 
_pdbx_validate_close_contact.auth_atom_id_2 
_pdbx_validate_close_contact.auth_asym_id_2 
_pdbx_validate_close_contact.auth_comp_id_2 
_pdbx_validate_close_contact.auth_seq_id_2 
_pdbx_validate_close_contact.PDB_ins_code_2 
_pdbx_validate_close_contact.label_alt_id_2 
_pdbx_validate_close_contact.dist 
1  1 H41 A DC 1  ? ? O6  C DG 26 ? ? 0.69 
2  1 N3  A DC 1  ? ? H1  C DG 26 ? ? 0.76 
3  1 O2  A DC 1  ? ? H21 C DG 26 ? ? 1.02 
4  1 H41 A DC 1  ? ? C6  C DG 26 ? ? 1.19 
5  1 N4  A DC 1  ? ? O6  C DG 26 ? ? 1.38 
6  1 C4  A DC 1  ? ? H1  C DG 26 ? ? 1.39 
7  1 O4  B DT 10 ? ? H61 C DA 17 ? ? 1.55 
8  1 C2  A DC 1  ? ? H21 C DG 26 ? ? 1.59 
9  1 O6  B DG 13 ? ? H41 C DC 14 ? ? 1.60 
10 1 H42 A DC 1  ? ? O6  C DG 26 ? ? 1.60 
11 1 N3  A DC 1  ? ? N1  C DG 26 ? ? 1.66 
12 1 O2  A DC 1  ? ? N2  C DG 26 ? ? 1.72 
13 1 N4  A DC 1  ? ? C6  C DG 26 ? ? 2.03 
# 
loop_
_pdbx_validate_rmsd_bond.id 
_pdbx_validate_rmsd_bond.PDB_model_num 
_pdbx_validate_rmsd_bond.auth_atom_id_1 
_pdbx_validate_rmsd_bond.auth_asym_id_1 
_pdbx_validate_rmsd_bond.auth_comp_id_1 
_pdbx_validate_rmsd_bond.auth_seq_id_1 
_pdbx_validate_rmsd_bond.PDB_ins_code_1 
_pdbx_validate_rmsd_bond.label_alt_id_1 
_pdbx_validate_rmsd_bond.auth_atom_id_2 
_pdbx_validate_rmsd_bond.auth_asym_id_2 
_pdbx_validate_rmsd_bond.auth_comp_id_2 
_pdbx_validate_rmsd_bond.auth_seq_id_2 
_pdbx_validate_rmsd_bond.PDB_ins_code_2 
_pdbx_validate_rmsd_bond.label_alt_id_2 
_pdbx_validate_rmsd_bond.bond_value 
_pdbx_validate_rmsd_bond.bond_target_value 
_pdbx_validate_rmsd_bond.bond_deviation 
_pdbx_validate_rmsd_bond.bond_standard_deviation 
_pdbx_validate_rmsd_bond.linker_flag 
1  1 C2    A DC 1  ? ? O2    A DC 1  ? ? 1.183 1.240 -0.057 0.009 N 
2  1 N1    A DC 1  ? ? C6    A DC 1  ? ? 1.320 1.367 -0.047 0.006 N 
3  1 N3    A DC 1  ? ? C4    A DC 1  ? ? 1.268 1.335 -0.067 0.007 N 
4  1 N9    A DA 4  ? ? C4    A DA 4  ? ? 1.411 1.374 0.037  0.006 N 
5  1 P     B DC 8  ? ? OP1   B DC 8  ? ? 1.609 1.485 0.124  0.017 N 
6  1 P     B DC 8  ? ? OP2   B DC 8  ? ? 1.610 1.485 0.125  0.017 N 
7  1 P     B DC 8  ? ? "O5'" B DC 8  ? ? 1.440 1.593 -0.153 0.010 N 
8  1 "O3'" B DC 8  ? ? "C3'" B DC 8  ? ? 1.364 1.419 -0.055 0.006 N 
9  1 "O3'" B DC 8  ? ? P     B DT 9  ? ? 1.480 1.607 -0.127 0.012 Y 
10 1 P     B DT 9  ? ? OP1   B DT 9  ? ? 1.364 1.485 -0.121 0.017 N 
11 1 P     B DT 9  ? ? OP2   B DT 9  ? ? 1.377 1.485 -0.108 0.017 N 
12 1 C6    B DT 9  ? ? N1    B DT 9  ? ? 1.422 1.378 0.044  0.007 N 
13 1 P     B DT 10 ? ? "O5'" B DT 10 ? ? 1.507 1.593 -0.086 0.010 N 
14 1 "O4'" B DT 10 ? ? "C1'" B DT 10 ? ? 1.345 1.418 -0.073 0.012 N 
15 1 "O3'" B DT 10 ? ? "C3'" B DT 10 ? ? 1.375 1.419 -0.044 0.006 N 
16 1 C5    B DT 10 ? ? C7    B DT 10 ? ? 1.458 1.496 -0.038 0.006 N 
17 1 "O3'" B DT 10 ? ? P     B DG 11 ? ? 1.517 1.607 -0.090 0.012 Y 
18 1 "C4'" B DG 13 ? ? "C3'" B DG 13 ? ? 1.457 1.521 -0.064 0.010 N 
19 1 "O3'" B DG 13 ? ? "C3'" B DG 13 ? ? 1.342 1.419 -0.077 0.006 N 
20 1 "O5'" C DC 14 ? ? "C5'" C DC 14 ? ? 1.187 1.418 -0.231 0.025 N 
21 1 "O3'" C DC 14 ? ? P     C DC 15 ? ? 1.517 1.607 -0.090 0.012 Y 
22 1 P     C DC 15 ? ? "O5'" C DC 15 ? ? 1.523 1.593 -0.070 0.010 N 
23 1 "O3'" C DC 15 ? ? P     C DC 16 ? ? 1.532 1.607 -0.075 0.012 Y 
24 1 "O5'" C DC 21 ? ? "C5'" C DC 21 ? ? 1.251 1.418 -0.167 0.025 N 
25 1 "C2'" C DC 21 ? ? "C1'" C DC 21 ? ? 1.585 1.519 0.066  0.010 N 
26 1 N1    C DT 24 ? ? C2    C DT 24 ? ? 1.431 1.376 0.055  0.008 N 
# 
loop_
_pdbx_validate_rmsd_angle.id 
_pdbx_validate_rmsd_angle.PDB_model_num 
_pdbx_validate_rmsd_angle.auth_atom_id_1 
_pdbx_validate_rmsd_angle.auth_asym_id_1 
_pdbx_validate_rmsd_angle.auth_comp_id_1 
_pdbx_validate_rmsd_angle.auth_seq_id_1 
_pdbx_validate_rmsd_angle.PDB_ins_code_1 
_pdbx_validate_rmsd_angle.label_alt_id_1 
_pdbx_validate_rmsd_angle.auth_atom_id_2 
_pdbx_validate_rmsd_angle.auth_asym_id_2 
_pdbx_validate_rmsd_angle.auth_comp_id_2 
_pdbx_validate_rmsd_angle.auth_seq_id_2 
_pdbx_validate_rmsd_angle.PDB_ins_code_2 
_pdbx_validate_rmsd_angle.label_alt_id_2 
_pdbx_validate_rmsd_angle.auth_atom_id_3 
_pdbx_validate_rmsd_angle.auth_asym_id_3 
_pdbx_validate_rmsd_angle.auth_comp_id_3 
_pdbx_validate_rmsd_angle.auth_seq_id_3 
_pdbx_validate_rmsd_angle.PDB_ins_code_3 
_pdbx_validate_rmsd_angle.label_alt_id_3 
_pdbx_validate_rmsd_angle.angle_value 
_pdbx_validate_rmsd_angle.angle_target_value 
_pdbx_validate_rmsd_angle.angle_deviation 
_pdbx_validate_rmsd_angle.angle_standard_deviation 
_pdbx_validate_rmsd_angle.linker_flag 
1  1 "O4'" A DC 1  ? ? "C1'" A DC 1  ? ? N1    A DC 1  ? ? 111.38 108.30 3.08  0.30 N 
2  1 C6    A DC 1  ? ? N1    A DC 1  ? ? C2    A DC 1  ? ? 116.89 120.30 -3.41 0.40 N 
3  1 C4    A DC 1  ? ? C5    A DC 1  ? ? C6    A DC 1  ? ? 120.80 117.40 3.40  0.50 N 
4  1 N3    A DC 1  ? ? C2    A DC 1  ? ? O2    A DC 1  ? ? 117.14 121.90 -4.76 0.70 N 
5  1 "O4'" A DC 2  ? ? "C1'" A DC 2  ? ? N1    A DC 2  ? ? 110.74 108.30 2.44  0.30 N 
6  1 "C3'" A DC 2  ? ? "O3'" A DC 2  ? ? P     A DA 3  ? ? 126.97 119.70 7.27  1.20 Y 
7  1 "C3'" A DA 3  ? ? "O3'" A DA 3  ? ? P     A DA 4  ? ? 130.38 119.70 10.68 1.20 Y 
8  1 P     B DC 8  ? ? "O5'" B DC 8  ? ? "C5'" B DC 8  ? ? 133.57 120.90 12.67 1.60 N 
9  1 "O4'" B DC 8  ? ? "C1'" B DC 8  ? ? N1    B DC 8  ? ? 112.06 108.30 3.76  0.30 N 
10 1 N1    B DC 8  ? ? C2    B DC 8  ? ? O2    B DC 8  ? ? 123.58 118.90 4.68  0.60 N 
11 1 "C3'" B DC 8  ? ? "O3'" B DC 8  ? ? P     B DT 9  ? ? 129.30 119.70 9.60  1.20 Y 
12 1 "O4'" B DT 9  ? ? "C1'" B DT 9  ? ? N1    B DT 9  ? ? 113.48 108.30 5.18  0.30 N 
13 1 N3    B DT 9  ? ? C2    B DT 9  ? ? O2    B DT 9  ? ? 118.14 122.30 -4.16 0.60 N 
14 1 P     B DT 10 ? ? "O5'" B DT 10 ? ? "C5'" B DT 10 ? ? 136.44 120.90 15.54 1.60 N 
15 1 "C1'" B DT 10 ? ? "O4'" B DT 10 ? ? "C4'" B DT 10 ? ? 114.66 110.30 4.36  0.70 N 
16 1 N3    B DT 10 ? ? C2    B DT 10 ? ? O2    B DT 10 ? ? 117.71 122.30 -4.59 0.60 N 
17 1 C4    B DT 10 ? ? C5    B DT 10 ? ? C7    B DT 10 ? ? 114.06 119.00 -4.94 0.60 N 
18 1 "O4'" B DG 11 ? ? "C1'" B DG 11 ? ? N9    B DG 11 ? ? 110.28 108.30 1.98  0.30 N 
19 1 N3    B DG 11 ? ? C2    B DG 11 ? ? N2    B DG 11 ? ? 125.01 119.90 5.11  0.70 N 
20 1 P     B DG 12 ? ? "O5'" B DG 12 ? ? "C5'" B DG 12 ? ? 133.89 120.90 12.99 1.60 N 
21 1 "O4'" B DG 12 ? ? "C1'" B DG 12 ? ? N9    B DG 12 ? ? 110.15 108.30 1.85  0.30 N 
22 1 N3    B DG 12 ? ? C2    B DG 12 ? ? N2    B DG 12 ? ? 125.66 119.90 5.76  0.70 N 
23 1 "C1'" B DG 13 ? ? "O4'" B DG 13 ? ? "C4'" B DG 13 ? ? 116.48 110.30 6.18  0.70 N 
24 1 "O4'" B DG 13 ? ? "C1'" B DG 13 ? ? N9    B DG 13 ? ? 111.07 108.30 2.77  0.30 N 
25 1 C2    B DG 13 ? ? N3    B DG 13 ? ? C4    B DG 13 ? ? 115.29 111.90 3.39  0.50 N 
26 1 N3    B DG 13 ? ? C4    B DG 13 ? ? C5    B DG 13 ? ? 125.26 128.60 -3.34 0.50 N 
27 1 N1    B DG 13 ? ? C2    B DG 13 ? ? N2    B DG 13 ? ? 110.03 116.20 -6.17 0.90 N 
28 1 N3    B DG 13 ? ? C2    B DG 13 ? ? N2    B DG 13 ? ? 128.36 119.90 8.46  0.70 N 
29 1 N1    C DC 14 ? ? C2    C DC 14 ? ? O2    C DC 14 ? ? 123.53 118.90 4.63  0.60 N 
30 1 C6    C DC 15 ? ? N1    C DC 15 ? ? C2    C DC 15 ? ? 116.81 120.30 -3.49 0.40 N 
31 1 "C3'" C DC 15 ? ? "O3'" C DC 15 ? ? P     C DC 16 ? ? 126.98 119.70 7.28  1.20 Y 
32 1 C6    C DC 16 ? ? N1    C DC 16 ? ? C2    C DC 16 ? ? 117.57 120.30 -2.73 0.40 N 
33 1 "C3'" C DC 16 ? ? "O3'" C DC 16 ? ? P     C DA 17 ? ? 129.72 119.70 10.02 1.20 Y 
34 1 "C3'" C DA 17 ? ? "O3'" C DA 17 ? ? P     C DA 18 ? ? 129.15 119.70 9.45  1.20 Y 
35 1 N1    C DA 18 ? ? C6    C DA 18 ? ? N6    C DA 18 ? ? 122.73 118.60 4.13  0.60 N 
36 1 "C3'" C DA 18 ? ? "O3'" C DA 18 ? ? P     C DG 19 ? ? 128.70 119.70 9.00  1.20 Y 
37 1 "O4'" C DG 19 ? ? "C1'" C DG 19 ? ? N9    C DG 19 ? ? 110.13 108.30 1.83  0.30 N 
38 1 N3    C DG 19 ? ? C2    C DG 19 ? ? N2    C DG 19 ? ? 125.16 119.90 5.26  0.70 N 
39 1 "C3'" C DG 19 ? ? "O3'" C DG 19 ? ? P     C DG 20 ? ? 128.10 119.70 8.40  1.20 Y 
40 1 "C1'" C DG 20 ? ? "O4'" C DG 20 ? ? "C4'" C DG 20 ? ? 115.70 110.30 5.40  0.70 N 
41 1 "C3'" C DG 20 ? ? "C2'" C DG 20 ? ? "C1'" C DG 20 ? ? 111.80 102.50 9.30  1.20 N 
42 1 "O4'" C DG 20 ? ? "C1'" C DG 20 ? ? N9    C DG 20 ? ? 110.51 108.30 2.21  0.30 N 
43 1 N3    C DG 20 ? ? C2    C DG 20 ? ? N2    C DG 20 ? ? 124.84 119.90 4.94  0.70 N 
44 1 "C3'" C DC 21 ? ? "O3'" C DC 21 ? ? P     C DC 22 ? ? 127.12 119.70 7.42  1.20 Y 
45 1 "C3'" C DC 22 ? ? "O3'" C DC 22 ? ? P     C DT 23 ? ? 127.42 119.70 7.72  1.20 Y 
46 1 "O4'" C DT 23 ? ? "C1'" C DT 23 ? ? N1    C DT 23 ? ? 111.17 108.30 2.87  0.30 N 
47 1 "C3'" C DT 24 ? ? "O3'" C DT 24 ? ? P     C DG 25 ? ? 128.28 119.70 8.58  1.20 Y 
48 1 C2    C DG 26 ? ? N3    C DG 26 ? ? C4    C DG 26 ? ? 114.93 111.90 3.03  0.50 N 
49 1 N3    C DG 26 ? ? C2    C DG 26 ? ? N2    C DG 26 ? ? 124.62 119.90 4.72  0.70 N 
# 
loop_
_pdbx_validate_planes.id 
_pdbx_validate_planes.PDB_model_num 
_pdbx_validate_planes.auth_comp_id 
_pdbx_validate_planes.auth_asym_id 
_pdbx_validate_planes.auth_seq_id 
_pdbx_validate_planes.PDB_ins_code 
_pdbx_validate_planes.label_alt_id 
_pdbx_validate_planes.rmsd 
_pdbx_validate_planes.type 
1  1 DA A 3  ? ? 0.162 'SIDE CHAIN' 
2  1 DG A 6  ? ? 0.053 'SIDE CHAIN' 
3  1 DT B 9  ? ? 0.080 'SIDE CHAIN' 
4  1 DT B 10 ? ? 0.074 'SIDE CHAIN' 
5  1 DG B 11 ? ? 0.075 'SIDE CHAIN' 
6  1 DC C 15 ? ? 0.118 'SIDE CHAIN' 
7  1 DC C 16 ? ? 0.188 'SIDE CHAIN' 
8  1 DA C 17 ? ? 0.056 'SIDE CHAIN' 
9  1 DG C 19 ? ? 0.060 'SIDE CHAIN' 
10 1 DT C 23 ? ? 0.154 'SIDE CHAIN' 
# 
_pdbx_nmr_ensemble.entry_id                                      1N0K 
_pdbx_nmr_ensemble.conformers_calculated_total_number            10 
_pdbx_nmr_ensemble.conformers_submitted_total_number             1 
_pdbx_nmr_ensemble.conformer_selection_criteria                  'minimum rmsd and nmr constraints violation' 
_pdbx_nmr_ensemble.average_constraints_per_residue               ? 
_pdbx_nmr_ensemble.average_constraint_violations_per_residue     ? 
_pdbx_nmr_ensemble.maximum_distance_constraint_violation         ? 
_pdbx_nmr_ensemble.average_distance_constraint_violation         ? 
_pdbx_nmr_ensemble.maximum_upper_distance_constraint_violation   ? 
_pdbx_nmr_ensemble.maximum_lower_distance_constraint_violation   ? 
_pdbx_nmr_ensemble.distance_constraint_violation_method          ? 
_pdbx_nmr_ensemble.maximum_torsion_angle_constraint_violation    ? 
_pdbx_nmr_ensemble.average_torsion_angle_constraint_violation    ? 
_pdbx_nmr_ensemble.torsion_angle_constraint_violation_method     ? 
# 
_pdbx_nmr_representative.entry_id             1N0K 
_pdbx_nmr_representative.conformer_id         ? 
_pdbx_nmr_representative.selection_criteria   'minimized average structure' 
# 
_pdbx_nmr_sample_details.solution_id      1 
_pdbx_nmr_sample_details.contents         '1.4 mM oligonucleotide' 
_pdbx_nmr_sample_details.solvent_system   ? 
# 
_pdbx_nmr_exptl_sample_conditions.conditions_id       1 
_pdbx_nmr_exptl_sample_conditions.temperature         293.15 
_pdbx_nmr_exptl_sample_conditions.pressure            1 
_pdbx_nmr_exptl_sample_conditions.pH                  6.9 
_pdbx_nmr_exptl_sample_conditions.ionic_strength      '40 mM NaH2PO4' 
_pdbx_nmr_exptl_sample_conditions.pressure_units      atm 
_pdbx_nmr_exptl_sample_conditions.temperature_units   K 
# 
loop_
_pdbx_nmr_exptl.experiment_id 
_pdbx_nmr_exptl.solution_id 
_pdbx_nmr_exptl.conditions_id 
_pdbx_nmr_exptl.type 
1 1 1 PECOSY  
2 1 1 TOCSY   
3 1 1 NOESY   
4 1 1 HSQC    
5 1 1 GE-HSQC 
# 
_pdbx_nmr_refine.entry_id           1N0K 
_pdbx_nmr_refine.method             'conjugate gradient' 
_pdbx_nmr_refine.details            ? 
_pdbx_nmr_refine.software_ordinal   1 
# 
loop_
_pdbx_nmr_software.name 
_pdbx_nmr_software.version 
_pdbx_nmr_software.classification 
_pdbx_nmr_software.authors 
_pdbx_nmr_software.ordinal 
XPLOR 3.851 refinement           Brunger 1 
XPLOR 3.851 'structure solution' Brunger 2 
# 
loop_
_chem_comp_atom.comp_id 
_chem_comp_atom.atom_id 
_chem_comp_atom.type_symbol 
_chem_comp_atom.pdbx_aromatic_flag 
_chem_comp_atom.pdbx_stereo_config 
_chem_comp_atom.pdbx_ordinal 
DA  OP3    O N N 1   
DA  P      P N N 2   
DA  OP1    O N N 3   
DA  OP2    O N N 4   
DA  "O5'"  O N N 5   
DA  "C5'"  C N N 6   
DA  "C4'"  C N R 7   
DA  "O4'"  O N N 8   
DA  "C3'"  C N S 9   
DA  "O3'"  O N N 10  
DA  "C2'"  C N N 11  
DA  "C1'"  C N R 12  
DA  N9     N Y N 13  
DA  C8     C Y N 14  
DA  N7     N Y N 15  
DA  C5     C Y N 16  
DA  C6     C Y N 17  
DA  N6     N N N 18  
DA  N1     N Y N 19  
DA  C2     C Y N 20  
DA  N3     N Y N 21  
DA  C4     C Y N 22  
DA  HOP3   H N N 23  
DA  HOP2   H N N 24  
DA  "H5'"  H N N 25  
DA  "H5''" H N N 26  
DA  "H4'"  H N N 27  
DA  "H3'"  H N N 28  
DA  "HO3'" H N N 29  
DA  "H2'"  H N N 30  
DA  "H2''" H N N 31  
DA  "H1'"  H N N 32  
DA  H8     H N N 33  
DA  H61    H N N 34  
DA  H62    H N N 35  
DA  H2     H N N 36  
DC  OP3    O N N 37  
DC  P      P N N 38  
DC  OP1    O N N 39  
DC  OP2    O N N 40  
DC  "O5'"  O N N 41  
DC  "C5'"  C N N 42  
DC  "C4'"  C N R 43  
DC  "O4'"  O N N 44  
DC  "C3'"  C N S 45  
DC  "O3'"  O N N 46  
DC  "C2'"  C N N 47  
DC  "C1'"  C N R 48  
DC  N1     N N N 49  
DC  C2     C N N 50  
DC  O2     O N N 51  
DC  N3     N N N 52  
DC  C4     C N N 53  
DC  N4     N N N 54  
DC  C5     C N N 55  
DC  C6     C N N 56  
DC  HOP3   H N N 57  
DC  HOP2   H N N 58  
DC  "H5'"  H N N 59  
DC  "H5''" H N N 60  
DC  "H4'"  H N N 61  
DC  "H3'"  H N N 62  
DC  "HO3'" H N N 63  
DC  "H2'"  H N N 64  
DC  "H2''" H N N 65  
DC  "H1'"  H N N 66  
DC  H41    H N N 67  
DC  H42    H N N 68  
DC  H5     H N N 69  
DC  H6     H N N 70  
DG  OP3    O N N 71  
DG  P      P N N 72  
DG  OP1    O N N 73  
DG  OP2    O N N 74  
DG  "O5'"  O N N 75  
DG  "C5'"  C N N 76  
DG  "C4'"  C N R 77  
DG  "O4'"  O N N 78  
DG  "C3'"  C N S 79  
DG  "O3'"  O N N 80  
DG  "C2'"  C N N 81  
DG  "C1'"  C N R 82  
DG  N9     N Y N 83  
DG  C8     C Y N 84  
DG  N7     N Y N 85  
DG  C5     C Y N 86  
DG  C6     C N N 87  
DG  O6     O N N 88  
DG  N1     N N N 89  
DG  C2     C N N 90  
DG  N2     N N N 91  
DG  N3     N N N 92  
DG  C4     C Y N 93  
DG  HOP3   H N N 94  
DG  HOP2   H N N 95  
DG  "H5'"  H N N 96  
DG  "H5''" H N N 97  
DG  "H4'"  H N N 98  
DG  "H3'"  H N N 99  
DG  "HO3'" H N N 100 
DG  "H2'"  H N N 101 
DG  "H2''" H N N 102 
DG  "H1'"  H N N 103 
DG  H8     H N N 104 
DG  H1     H N N 105 
DG  H21    H N N 106 
DG  H22    H N N 107 
DT  OP3    O N N 108 
DT  P      P N N 109 
DT  OP1    O N N 110 
DT  OP2    O N N 111 
DT  "O5'"  O N N 112 
DT  "C5'"  C N N 113 
DT  "C4'"  C N R 114 
DT  "O4'"  O N N 115 
DT  "C3'"  C N S 116 
DT  "O3'"  O N N 117 
DT  "C2'"  C N N 118 
DT  "C1'"  C N R 119 
DT  N1     N N N 120 
DT  C2     C N N 121 
DT  O2     O N N 122 
DT  N3     N N N 123 
DT  C4     C N N 124 
DT  O4     O N N 125 
DT  C5     C N N 126 
DT  C7     C N N 127 
DT  C6     C N N 128 
DT  HOP3   H N N 129 
DT  HOP2   H N N 130 
DT  "H5'"  H N N 131 
DT  "H5''" H N N 132 
DT  "H4'"  H N N 133 
DT  "H3'"  H N N 134 
DT  "HO3'" H N N 135 
DT  "H2'"  H N N 136 
DT  "H2''" H N N 137 
DT  "H1'"  H N N 138 
DT  H3     H N N 139 
DT  H71    H N N 140 
DT  H72    H N N 141 
DT  H73    H N N 142 
DT  H6     H N N 143 
PGA P      P N N 144 
PGA O1P    O N N 145 
PGA O2P    O N N 146 
PGA O3P    O N N 147 
PGA O4P    O N N 148 
PGA C2     C N N 149 
PGA C1     C N N 150 
PGA O1     O N N 151 
PGA O2     O N N 152 
PGA HOP3   H N N 153 
PGA HOP4   H N N 154 
PGA H21    H N N 155 
PGA H22    H N N 156 
PGA HO2    H N N 157 
# 
loop_
_chem_comp_bond.comp_id 
_chem_comp_bond.atom_id_1 
_chem_comp_bond.atom_id_2 
_chem_comp_bond.value_order 
_chem_comp_bond.pdbx_aromatic_flag 
_chem_comp_bond.pdbx_stereo_config 
_chem_comp_bond.pdbx_ordinal 
DA  OP3   P      sing N N 1   
DA  OP3   HOP3   sing N N 2   
DA  P     OP1    doub N N 3   
DA  P     OP2    sing N N 4   
DA  P     "O5'"  sing N N 5   
DA  OP2   HOP2   sing N N 6   
DA  "O5'" "C5'"  sing N N 7   
DA  "C5'" "C4'"  sing N N 8   
DA  "C5'" "H5'"  sing N N 9   
DA  "C5'" "H5''" sing N N 10  
DA  "C4'" "O4'"  sing N N 11  
DA  "C4'" "C3'"  sing N N 12  
DA  "C4'" "H4'"  sing N N 13  
DA  "O4'" "C1'"  sing N N 14  
DA  "C3'" "O3'"  sing N N 15  
DA  "C3'" "C2'"  sing N N 16  
DA  "C3'" "H3'"  sing N N 17  
DA  "O3'" "HO3'" sing N N 18  
DA  "C2'" "C1'"  sing N N 19  
DA  "C2'" "H2'"  sing N N 20  
DA  "C2'" "H2''" sing N N 21  
DA  "C1'" N9     sing N N 22  
DA  "C1'" "H1'"  sing N N 23  
DA  N9    C8     sing Y N 24  
DA  N9    C4     sing Y N 25  
DA  C8    N7     doub Y N 26  
DA  C8    H8     sing N N 27  
DA  N7    C5     sing Y N 28  
DA  C5    C6     sing Y N 29  
DA  C5    C4     doub Y N 30  
DA  C6    N6     sing N N 31  
DA  C6    N1     doub Y N 32  
DA  N6    H61    sing N N 33  
DA  N6    H62    sing N N 34  
DA  N1    C2     sing Y N 35  
DA  C2    N3     doub Y N 36  
DA  C2    H2     sing N N 37  
DA  N3    C4     sing Y N 38  
DC  OP3   P      sing N N 39  
DC  OP3   HOP3   sing N N 40  
DC  P     OP1    doub N N 41  
DC  P     OP2    sing N N 42  
DC  P     "O5'"  sing N N 43  
DC  OP2   HOP2   sing N N 44  
DC  "O5'" "C5'"  sing N N 45  
DC  "C5'" "C4'"  sing N N 46  
DC  "C5'" "H5'"  sing N N 47  
DC  "C5'" "H5''" sing N N 48  
DC  "C4'" "O4'"  sing N N 49  
DC  "C4'" "C3'"  sing N N 50  
DC  "C4'" "H4'"  sing N N 51  
DC  "O4'" "C1'"  sing N N 52  
DC  "C3'" "O3'"  sing N N 53  
DC  "C3'" "C2'"  sing N N 54  
DC  "C3'" "H3'"  sing N N 55  
DC  "O3'" "HO3'" sing N N 56  
DC  "C2'" "C1'"  sing N N 57  
DC  "C2'" "H2'"  sing N N 58  
DC  "C2'" "H2''" sing N N 59  
DC  "C1'" N1     sing N N 60  
DC  "C1'" "H1'"  sing N N 61  
DC  N1    C2     sing N N 62  
DC  N1    C6     sing N N 63  
DC  C2    O2     doub N N 64  
DC  C2    N3     sing N N 65  
DC  N3    C4     doub N N 66  
DC  C4    N4     sing N N 67  
DC  C4    C5     sing N N 68  
DC  N4    H41    sing N N 69  
DC  N4    H42    sing N N 70  
DC  C5    C6     doub N N 71  
DC  C5    H5     sing N N 72  
DC  C6    H6     sing N N 73  
DG  OP3   P      sing N N 74  
DG  OP3   HOP3   sing N N 75  
DG  P     OP1    doub N N 76  
DG  P     OP2    sing N N 77  
DG  P     "O5'"  sing N N 78  
DG  OP2   HOP2   sing N N 79  
DG  "O5'" "C5'"  sing N N 80  
DG  "C5'" "C4'"  sing N N 81  
DG  "C5'" "H5'"  sing N N 82  
DG  "C5'" "H5''" sing N N 83  
DG  "C4'" "O4'"  sing N N 84  
DG  "C4'" "C3'"  sing N N 85  
DG  "C4'" "H4'"  sing N N 86  
DG  "O4'" "C1'"  sing N N 87  
DG  "C3'" "O3'"  sing N N 88  
DG  "C3'" "C2'"  sing N N 89  
DG  "C3'" "H3'"  sing N N 90  
DG  "O3'" "HO3'" sing N N 91  
DG  "C2'" "C1'"  sing N N 92  
DG  "C2'" "H2'"  sing N N 93  
DG  "C2'" "H2''" sing N N 94  
DG  "C1'" N9     sing N N 95  
DG  "C1'" "H1'"  sing N N 96  
DG  N9    C8     sing Y N 97  
DG  N9    C4     sing Y N 98  
DG  C8    N7     doub Y N 99  
DG  C8    H8     sing N N 100 
DG  N7    C5     sing Y N 101 
DG  C5    C6     sing N N 102 
DG  C5    C4     doub Y N 103 
DG  C6    O6     doub N N 104 
DG  C6    N1     sing N N 105 
DG  N1    C2     sing N N 106 
DG  N1    H1     sing N N 107 
DG  C2    N2     sing N N 108 
DG  C2    N3     doub N N 109 
DG  N2    H21    sing N N 110 
DG  N2    H22    sing N N 111 
DG  N3    C4     sing N N 112 
DT  OP3   P      sing N N 113 
DT  OP3   HOP3   sing N N 114 
DT  P     OP1    doub N N 115 
DT  P     OP2    sing N N 116 
DT  P     "O5'"  sing N N 117 
DT  OP2   HOP2   sing N N 118 
DT  "O5'" "C5'"  sing N N 119 
DT  "C5'" "C4'"  sing N N 120 
DT  "C5'" "H5'"  sing N N 121 
DT  "C5'" "H5''" sing N N 122 
DT  "C4'" "O4'"  sing N N 123 
DT  "C4'" "C3'"  sing N N 124 
DT  "C4'" "H4'"  sing N N 125 
DT  "O4'" "C1'"  sing N N 126 
DT  "C3'" "O3'"  sing N N 127 
DT  "C3'" "C2'"  sing N N 128 
DT  "C3'" "H3'"  sing N N 129 
DT  "O3'" "HO3'" sing N N 130 
DT  "C2'" "C1'"  sing N N 131 
DT  "C2'" "H2'"  sing N N 132 
DT  "C2'" "H2''" sing N N 133 
DT  "C1'" N1     sing N N 134 
DT  "C1'" "H1'"  sing N N 135 
DT  N1    C2     sing N N 136 
DT  N1    C6     sing N N 137 
DT  C2    O2     doub N N 138 
DT  C2    N3     sing N N 139 
DT  N3    C4     sing N N 140 
DT  N3    H3     sing N N 141 
DT  C4    O4     doub N N 142 
DT  C4    C5     sing N N 143 
DT  C5    C7     sing N N 144 
DT  C5    C6     doub N N 145 
DT  C7    H71    sing N N 146 
DT  C7    H72    sing N N 147 
DT  C7    H73    sing N N 148 
DT  C6    H6     sing N N 149 
PGA P     O1P    sing N N 150 
PGA P     O2P    doub N N 151 
PGA P     O3P    sing N N 152 
PGA P     O4P    sing N N 153 
PGA O1P   C2     sing N N 154 
PGA O3P   HOP3   sing N N 155 
PGA O4P   HOP4   sing N N 156 
PGA C2    C1     sing N N 157 
PGA C2    H21    sing N N 158 
PGA C2    H22    sing N N 159 
PGA C1    O1     doub N N 160 
PGA C1    O2     sing N N 161 
PGA O2    HO2    sing N N 162 
# 
loop_
_ndb_struct_conf_na.entry_id 
_ndb_struct_conf_na.feature 
1N0K 'double helix'         
1N0K 'b-form double helix'  
1N0K 'mismatched base pair' 
# 
loop_
_ndb_struct_na_base_pair.model_number 
_ndb_struct_na_base_pair.i_label_asym_id 
_ndb_struct_na_base_pair.i_label_comp_id 
_ndb_struct_na_base_pair.i_label_seq_id 
_ndb_struct_na_base_pair.i_symmetry 
_ndb_struct_na_base_pair.j_label_asym_id 
_ndb_struct_na_base_pair.j_label_comp_id 
_ndb_struct_na_base_pair.j_label_seq_id 
_ndb_struct_na_base_pair.j_symmetry 
_ndb_struct_na_base_pair.shear 
_ndb_struct_na_base_pair.stretch 
_ndb_struct_na_base_pair.stagger 
_ndb_struct_na_base_pair.buckle 
_ndb_struct_na_base_pair.propeller 
_ndb_struct_na_base_pair.opening 
_ndb_struct_na_base_pair.pair_number 
_ndb_struct_na_base_pair.pair_name 
_ndb_struct_na_base_pair.i_auth_asym_id 
_ndb_struct_na_base_pair.i_auth_seq_id 
_ndb_struct_na_base_pair.i_PDB_ins_code 
_ndb_struct_na_base_pair.j_auth_asym_id 
_ndb_struct_na_base_pair.j_auth_seq_id 
_ndb_struct_na_base_pair.j_PDB_ins_code 
_ndb_struct_na_base_pair.hbond_type_28 
_ndb_struct_na_base_pair.hbond_type_12 
1 A DC 1 1_555 C DG 13 1_555 -0.702 -1.437 -0.261 -0.681  2.223   -8.103  1  A_DC1:DG26_C  A 1  ? C 26 ? 22 1 
1 A DC 2 1_555 C DG 12 1_555 0.408  -0.204 0.003  -7.719  -0.272  -1.150  2  A_DC2:DG25_C  A 2  ? C 25 ? 19 1 
1 A DA 3 1_555 C DT 11 1_555 0.188  -0.136 -0.237 -1.591  -15.103 -4.763  3  A_DA3:DT24_C  A 3  ? C 24 ? 20 1 
1 A DA 4 1_555 C DT 10 1_555 -0.205 -0.259 0.395  1.925   -11.139 -1.861  4  A_DA4:DT23_C  A 4  ? C 23 ? 20 1 
1 A DG 5 1_555 C DC 9  1_555 -0.526 -0.225 0.164  3.992   -8.669  -0.420  5  A_DG5:DC22_C  A 5  ? C 22 ? 19 1 
1 A DG 6 1_555 C DC 8  1_555 -0.163 -0.200 -0.414 -9.570  3.861   -2.837  6  A_DG6:DC21_C  A 6  ? C 21 ? 19 1 
1 B DC 1 1_555 C DG 6  1_555 0.635  -0.361 0.437  -1.438  -1.044  -4.880  7  B_DC8:DG19_C  B 8  ? C 19 ? 19 1 
1 B DT 2 1_555 C DA 5  1_555 0.195  -0.240 0.409  5.622   -6.228  -3.007  8  B_DT9:DA18_C  B 9  ? C 18 ? 20 1 
1 B DT 3 1_555 C DA 4  1_555 -0.115 -0.413 0.535  -4.145  -7.672  -7.367  9  B_DT10:DA17_C B 10 ? C 17 ? 20 1 
1 B DG 4 1_555 C DC 3  1_555 -0.111 -0.392 0.632  11.291  -17.548 -8.188  10 B_DG11:DC16_C B 11 ? C 16 ? 19 1 
1 B DG 5 1_555 C DC 2  1_555 0.058  -0.319 0.374  -6.773  -17.724 -6.810  11 B_DG12:DC15_C B 12 ? C 15 ? 19 1 
1 B DG 6 1_555 C DC 1  1_555 -1.015 -0.780 -0.455 -19.415 -12.084 -17.920 12 B_DG13:DC14_C B 13 ? C 14 ? 19 1 
# 
loop_
_ndb_struct_na_base_pair_step.model_number 
_ndb_struct_na_base_pair_step.i_label_asym_id_1 
_ndb_struct_na_base_pair_step.i_label_comp_id_1 
_ndb_struct_na_base_pair_step.i_label_seq_id_1 
_ndb_struct_na_base_pair_step.i_symmetry_1 
_ndb_struct_na_base_pair_step.j_label_asym_id_1 
_ndb_struct_na_base_pair_step.j_label_comp_id_1 
_ndb_struct_na_base_pair_step.j_label_seq_id_1 
_ndb_struct_na_base_pair_step.j_symmetry_1 
_ndb_struct_na_base_pair_step.i_label_asym_id_2 
_ndb_struct_na_base_pair_step.i_label_comp_id_2 
_ndb_struct_na_base_pair_step.i_label_seq_id_2 
_ndb_struct_na_base_pair_step.i_symmetry_2 
_ndb_struct_na_base_pair_step.j_label_asym_id_2 
_ndb_struct_na_base_pair_step.j_label_comp_id_2 
_ndb_struct_na_base_pair_step.j_label_seq_id_2 
_ndb_struct_na_base_pair_step.j_symmetry_2 
_ndb_struct_na_base_pair_step.shift 
_ndb_struct_na_base_pair_step.slide 
_ndb_struct_na_base_pair_step.rise 
_ndb_struct_na_base_pair_step.tilt 
_ndb_struct_na_base_pair_step.roll 
_ndb_struct_na_base_pair_step.twist 
_ndb_struct_na_base_pair_step.x_displacement 
_ndb_struct_na_base_pair_step.y_displacement 
_ndb_struct_na_base_pair_step.helical_rise 
_ndb_struct_na_base_pair_step.inclination 
_ndb_struct_na_base_pair_step.tip 
_ndb_struct_na_base_pair_step.helical_twist 
_ndb_struct_na_base_pair_step.step_number 
_ndb_struct_na_base_pair_step.step_name 
_ndb_struct_na_base_pair_step.i_auth_asym_id_1 
_ndb_struct_na_base_pair_step.i_auth_seq_id_1 
_ndb_struct_na_base_pair_step.i_PDB_ins_code_1 
_ndb_struct_na_base_pair_step.j_auth_asym_id_1 
_ndb_struct_na_base_pair_step.j_auth_seq_id_1 
_ndb_struct_na_base_pair_step.j_PDB_ins_code_1 
_ndb_struct_na_base_pair_step.i_auth_asym_id_2 
_ndb_struct_na_base_pair_step.i_auth_seq_id_2 
_ndb_struct_na_base_pair_step.i_PDB_ins_code_2 
_ndb_struct_na_base_pair_step.j_auth_asym_id_2 
_ndb_struct_na_base_pair_step.j_auth_seq_id_2 
_ndb_struct_na_base_pair_step.j_PDB_ins_code_2 
1 A DC 1 1_555 C DG 13 1_555 A DC 2 1_555 C DG 12 1_555 0.323  -0.102 4.826 -0.597 -32.266 49.573 2.452  -0.377 4.185 -34.604 
0.641   58.590 1  AA_DC1DC2:DG25DG26_CC   A 1  ? C 26 ? A 2  ? C 25 ? 
1 A DC 2 1_555 C DG 12 1_555 A DA 3 1_555 C DT 11 1_555 -0.313 -0.865 3.358 11.024 3.548   36.590 -1.763 1.862  3.047 5.485   
-17.042 38.319 2  AA_DC2DA3:DT24DG25_CC   A 2  ? C 25 ? A 3  ? C 24 ? 
1 A DA 3 1_555 C DT 11 1_555 A DA 4 1_555 C DT 10 1_555 0.069  -0.026 2.966 -7.115 -0.722  34.308 0.055  -1.084 2.894 -1.208  
11.902  35.023 3  AA_DA3DA4:DT23DT24_CC   A 3  ? C 24 ? A 4  ? C 23 ? 
1 A DA 4 1_555 C DT 10 1_555 A DG 5 1_555 C DC 9  1_555 0.188  -0.727 3.289 -1.930 -4.733  34.593 -0.483 -0.610 3.342 -7.905  
3.224   34.957 4  AA_DA4DG5:DC22DT23_CC   A 4  ? C 23 ? A 5  ? C 22 ? 
1 A DG 5 1_555 C DC 9  1_555 A DG 6 1_555 C DC 8  1_555 0.399  -1.534 3.742 4.911  -2.758  34.194 -2.080 0.214  3.869 -4.652  
-8.282  34.642 5  AA_DG5DG6:DC21DC22_CC   A 5  ? C 22 ? A 6  ? C 21 ? 
1 A DG 6 1_555 C DC 8  1_555 B DC 1 1_555 C DG 6  1_555 1.367  -0.467 6.963 1.583  -1.823  83.804 -0.257 -0.943 6.990 -1.364  
-1.185  83.833 6  AB_DG6DC8:DG19DC21_CC   A 6  ? C 21 ? B 8  ? C 19 ? 
1 B DC 1 1_555 C DG 6  1_555 B DT 2 1_555 C DA 5  1_555 0.483  -0.662 3.293 2.195  -10.169 30.882 0.675  -0.462 3.362 -18.452 
-3.982  32.547 7  BB_DC8DT9:DA18DG19_CC   B 8  ? C 19 ? B 9  ? C 18 ? 
1 B DT 2 1_555 C DA 5  1_555 B DT 3 1_555 C DA 4  1_555 -0.589 -0.294 3.595 1.410  5.482   35.938 -1.303 1.158  3.489 8.817   
-2.268  36.366 8  BB_DT9DT10:DA17DA18_CC  B 9  ? C 18 ? B 10 ? C 17 ? 
1 B DT 3 1_555 C DA 4  1_555 B DG 4 1_555 C DC 3  1_555 -0.177 0.125  3.022 6.010  -1.625  37.703 0.380  0.967  2.952 -2.494  
-9.223  38.196 9  BB_DT10DG11:DC16DA17_CC B 10 ? C 17 ? B 11 ? C 16 ? 
1 B DG 4 1_555 C DC 3  1_555 B DG 5 1_555 C DC 2  1_555 0.710  0.526  3.794 6.168  -1.167  43.665 0.830  -0.266 3.840 -1.560  
-8.242  44.092 10 BB_DG11DG12:DC15DC16_CC B 11 ? C 16 ? B 12 ? C 15 ? 
1 B DG 5 1_555 C DC 2  1_555 B DG 6 1_555 C DC 1  1_555 -1.625 1.093  3.504 -6.834 -10.400 40.066 2.695  1.507  3.353 -14.754 
9.696   41.878 11 BB_DG12DG13:DC14DC15_CC B 12 ? C 15 ? B 13 ? C 14 ? 
# 
loop_
_pdbx_nmr_spectrometer.spectrometer_id 
_pdbx_nmr_spectrometer.type 
_pdbx_nmr_spectrometer.manufacturer 
_pdbx_nmr_spectrometer.model 
_pdbx_nmr_spectrometer.field_strength 
1 ? ? 'custom build' 500 
2 ? ? 'custom build' 600 
3 ? ? 'custom build' 750 
# 
_atom_sites.entry_id                    1N0K 
_atom_sites.fract_transf_matrix[1][1]   1.000000 
_atom_sites.fract_transf_matrix[1][2]   0.000000 
_atom_sites.fract_transf_matrix[1][3]   0.000000 
_atom_sites.fract_transf_matrix[2][1]   0.000000 
_atom_sites.fract_transf_matrix[2][2]   1.000000 
_atom_sites.fract_transf_matrix[2][3]   0.000000 
_atom_sites.fract_transf_matrix[3][1]   0.000000 
_atom_sites.fract_transf_matrix[3][2]   0.000000 
_atom_sites.fract_transf_matrix[3][3]   1.000000 
_atom_sites.fract_transf_vector[1]      0.00000 
_atom_sites.fract_transf_vector[2]      0.00000 
_atom_sites.fract_transf_vector[3]      0.00000 
# 
loop_
_atom_type.symbol 
C 
H 
N 
O 
P 
# 
loop_
_atom_site.group_PDB 
_atom_site.id 
_atom_site.type_symbol 
_atom_site.label_atom_id 
_atom_site.label_alt_id 
_atom_site.label_comp_id 
_atom_site.label_asym_id 
_atom_site.label_entity_id 
_atom_site.label_seq_id 
_atom_site.pdbx_PDB_ins_code 
_atom_site.Cartn_x 
_atom_site.Cartn_y 
_atom_site.Cartn_z 
_atom_site.occupancy 
_atom_site.B_iso_or_equiv 
_atom_site.pdbx_formal_charge 
_atom_site.auth_seq_id 
_atom_site.auth_comp_id 
_atom_site.auth_asym_id 
_atom_site.auth_atom_id 
_atom_site.pdbx_PDB_model_num 
ATOM   1   O "O5'"  . DC  A 1 1  ? -8.203  -20.317 -9.020  1.00 0.41 ? 1  DC  A "O5'"  1 
ATOM   2   C "C5'"  . DC  A 1 1  ? -7.650  -21.472 -8.506  1.00 0.65 ? 1  DC  A "C5'"  1 
ATOM   3   C "C4'"  . DC  A 1 1  ? -6.133  -21.414 -8.246  1.00 0.54 ? 1  DC  A "C4'"  1 
ATOM   4   O "O4'"  . DC  A 1 1  ? -5.432  -21.114 -9.481  1.00 0.64 ? 1  DC  A "O4'"  1 
ATOM   5   C "C3'"  . DC  A 1 1  ? -5.688  -20.357 -7.263  1.00 0.29 ? 1  DC  A "C3'"  1 
ATOM   6   O "O3'"  . DC  A 1 1  ? -4.618  -20.835 -6.454  1.00 0.35 ? 1  DC  A "O3'"  1 
ATOM   7   C "C2'"  . DC  A 1 1  ? -5.312  -19.222 -8.181  1.00 0.28 ? 1  DC  A "C2'"  1 
ATOM   8   C "C1'"  . DC  A 1 1  ? -4.742  -19.890 -9.398  1.00 0.54 ? 1  DC  A "C1'"  1 
ATOM   9   N N1     . DC  A 1 1  ? -4.876  -19.101 -10.664 1.00 0.70 ? 1  DC  A N1     1 
ATOM   10  C C2     . DC  A 1 1  ? -3.770  -18.396 -11.205 1.00 0.52 ? 1  DC  A C2     1 
ATOM   11  O O2     . DC  A 1 1  ? -2.698  -18.450 -10.706 1.00 0.39 ? 1  DC  A O2     1 
ATOM   12  N N3     . DC  A 1 1  ? -3.888  -17.661 -12.335 1.00 0.65 ? 1  DC  A N3     1 
ATOM   13  C C4     . DC  A 1 1  ? -4.987  -17.637 -12.967 1.00 1.02 ? 1  DC  A C4     1 
ATOM   14  N N4     . DC  A 1 1  ? -5.038  -16.938 -14.100 1.00 1.20 ? 1  DC  A N4     1 
ATOM   15  C C5     . DC  A 1 1  ? -6.099  -18.346 -12.466 1.00 1.26 ? 1  DC  A C5     1 
ATOM   16  C C6     . DC  A 1 1  ? -6.005  -19.055 -11.346 1.00 1.07 ? 1  DC  A C6     1 
ATOM   17  H "H5'"  . DC  A 1 1  ? -7.843  -22.247 -9.194  1.00 0.94 ? 1  DC  A "H5'"  1 
ATOM   18  H "H5''" . DC  A 1 1  ? -8.162  -21.710 -7.611  1.00 0.77 ? 1  DC  A "H5''" 1 
ATOM   19  H "H4'"  . DC  A 1 1  ? -5.832  -22.405 -7.886  1.00 0.66 ? 1  DC  A "H4'"  1 
ATOM   20  H "H3'"  . DC  A 1 1  ? -6.504  -20.012 -6.638  1.00 0.32 ? 1  DC  A "H3'"  1 
ATOM   21  H "H2'"  . DC  A 1 1  ? -6.235  -18.666 -8.424  1.00 0.28 ? 1  DC  A "H2'"  1 
ATOM   22  H "H2''" . DC  A 1 1  ? -4.565  -18.572 -7.721  1.00 0.31 ? 1  DC  A "H2''" 1 
ATOM   23  H "H1'"  . DC  A 1 1  ? -3.674  -20.095 -9.217  1.00 0.64 ? 1  DC  A "H1'"  1 
ATOM   24  H H41    . DC  A 1 1  ? -4.371  -16.431 -14.365 1.00 1.25 ? 1  DC  A H41    1 
ATOM   25  H H42    . DC  A 1 1  ? -5.737  -16.860 -14.626 1.00 1.42 ? 1  DC  A H42    1 
ATOM   26  H H5     . DC  A 1 1  ? -7.046  -18.314 -13.005 1.00 0.00 ? 1  DC  A H5     1 
ATOM   27  H H6     . DC  A 1 1  ? -6.874  -19.605 -10.985 1.00 0.00 ? 1  DC  A H6     1 
ATOM   28  H "HO5'" . DC  A 1 1  ? -7.535  -19.982 -9.411  1.00 0.23 ? 1  DC  A "HO5'" 1 
ATOM   29  P P      . DC  A 1 2  ? -3.868  -19.981 -5.346  1.00 0.28 ? 2  DC  A P      1 
ATOM   30  O OP1    . DC  A 1 2  ? -3.459  -20.855 -4.237  1.00 0.37 ? 2  DC  A OP1    1 
ATOM   31  O OP2    . DC  A 1 2  ? -4.667  -18.790 -5.019  1.00 0.20 ? 2  DC  A OP2    1 
ATOM   32  O "O5'"  . DC  A 1 2  ? -2.604  -19.473 -6.114  1.00 0.31 ? 2  DC  A "O5'"  1 
ATOM   33  C "C5'"  . DC  A 1 2  ? -1.589  -20.266 -6.698  1.00 0.44 ? 2  DC  A "C5'"  1 
ATOM   34  C "C4'"  . DC  A 1 2  ? -0.488  -19.457 -7.417  1.00 0.29 ? 2  DC  A "C4'"  1 
ATOM   35  O "O4'"  . DC  A 1 2  ? -1.071  -18.428 -8.311  1.00 0.34 ? 2  DC  A "O4'"  1 
ATOM   36  C "C3'"  . DC  A 1 2  ? 0.438   -18.667 -6.484  1.00 0.24 ? 2  DC  A "C3'"  1 
ATOM   37  O "O3'"  . DC  A 1 2  ? 1.686   -18.474 -7.121  1.00 0.27 ? 2  DC  A "O3'"  1 
ATOM   38  C "C2'"  . DC  A 1 2  ? -0.354  -17.320 -6.341  1.00 0.22 ? 2  DC  A "C2'"  1 
ATOM   39  C "C1'"  . DC  A 1 2  ? -0.844  -17.093 -7.795  1.00 0.24 ? 2  DC  A "C1'"  1 
ATOM   40  N N1     . DC  A 1 2  ? -2.073  -16.234 -7.972  1.00 0.22 ? 2  DC  A N1     1 
ATOM   41  C C2     . DC  A 1 2  ? -1.996  -15.148 -8.906  1.00 0.20 ? 2  DC  A C2     1 
ATOM   42  O O2     . DC  A 1 2  ? -0.948  -14.861 -9.500  1.00 0.19 ? 2  DC  A O2     1 
ATOM   43  N N3     . DC  A 1 2  ? -3.115  -14.398 -9.154  1.00 0.19 ? 2  DC  A N3     1 
ATOM   44  C C4     . DC  A 1 2  ? -4.269  -14.649 -8.520  1.00 0.20 ? 2  DC  A C4     1 
ATOM   45  N N4     . DC  A 1 2  ? -5.361  -13.907 -8.808  1.00 0.21 ? 2  DC  A N4     1 
ATOM   46  C C5     . DC  A 1 2  ? -4.353  -15.687 -7.539  1.00 0.21 ? 2  DC  A C5     1 
ATOM   47  C C6     . DC  A 1 2  ? -3.270  -16.436 -7.309  1.00 0.21 ? 2  DC  A C6     1 
ATOM   48  H "H5'"  . DC  A 1 2  ? -2.036  -20.930 -7.425  1.00 0.63 ? 2  DC  A "H5'"  1 
ATOM   49  H "H5''" . DC  A 1 2  ? -1.108  -20.874 -5.940  1.00 0.54 ? 2  DC  A "H5''" 1 
ATOM   50  H "H4'"  . DC  A 1 2  ? 0.093   -20.217 -7.971  1.00 0.30 ? 2  DC  A "H4'"  1 
ATOM   51  H "H3'"  . DC  A 1 2  ? 0.638   -19.272 -5.589  1.00 0.32 ? 2  DC  A "H3'"  1 
ATOM   52  H "H2'"  . DC  A 1 2  ? -1.265  -17.367 -5.715  1.00 0.24 ? 2  DC  A "H2'"  1 
ATOM   53  H "H2''" . DC  A 1 2  ? 0.266   -16.489 -5.957  1.00 0.20 ? 2  DC  A "H2''" 1 
ATOM   54  H "H1'"  . DC  A 1 2  ? -0.046  -16.636 -8.402  1.00 0.29 ? 2  DC  A "H1'"  1 
ATOM   55  H H41    . DC  A 1 2  ? -5.355  -13.270 -9.367  1.00 0.41 ? 2  DC  A H41    1 
ATOM   56  H H42    . DC  A 1 2  ? -6.143  -13.984 -8.481  1.00 0.69 ? 2  DC  A H42    1 
ATOM   57  H H5     . DC  A 1 2  ? -5.267  -15.841 -6.971  1.00 0.23 ? 2  DC  A H5     1 
ATOM   58  H H6     . DC  A 1 2  ? -3.343  -17.184 -6.523  1.00 0.23 ? 2  DC  A H6     1 
ATOM   59  P P      . DA  A 1 3  ? 2.929   -17.691 -6.552  1.00 0.48 ? 3  DA  A P      1 
ATOM   60  O OP1    . DA  A 1 3  ? 4.123   -18.254 -7.140  1.00 0.70 ? 3  DA  A OP1    1 
ATOM   61  O OP2    . DA  A 1 3  ? 2.857   -17.699 -5.105  1.00 0.68 ? 3  DA  A OP2    1 
ATOM   62  O "O5'"  . DA  A 1 3  ? 2.760   -16.205 -7.074  1.00 0.32 ? 3  DA  A "O5'"  1 
ATOM   63  C "C5'"  . DA  A 1 3  ? 2.766   -15.908 -8.461  1.00 0.18 ? 3  DA  A "C5'"  1 
ATOM   64  C "C4'"  . DA  A 1 3  ? 3.034   -14.424 -8.790  1.00 0.19 ? 3  DA  A "C4'"  1 
ATOM   65  O "O4'"  . DA  A 1 3  ? 1.846   -13.655 -8.506  1.00 0.29 ? 3  DA  A "O4'"  1 
ATOM   66  C "C3'"  . DA  A 1 3  ? 4.192   -13.651 -8.071  1.00 0.22 ? 3  DA  A "C3'"  1 
ATOM   67  O "O3'"  . DA  A 1 3  ? 5.001   -13.034 -9.055  1.00 0.33 ? 3  DA  A "O3'"  1 
ATOM   68  C "C2'"  . DA  A 1 3  ? 3.397   -12.574 -7.278  1.00 0.22 ? 3  DA  A "C2'"  1 
ATOM   69  C "C1'"  . DA  A 1 3  ? 2.162   -12.358 -8.146  1.00 0.14 ? 3  DA  A "C1'"  1 
ATOM   70  N N9     . DA  A 1 3  ? 0.927   -11.761 -7.555  1.00 0.25 ? 3  DA  A N9     1 
ATOM   71  C C8     . DA  A 1 3  ? 0.215   -12.158 -6.439  1.00 0.37 ? 3  DA  A C8     1 
ATOM   72  N N7     . DA  A 1 3  ? -1.044  -11.802 -6.428  1.00 0.36 ? 3  DA  A N7     1 
ATOM   73  C C5     . DA  A 1 3  ? -1.189  -11.102 -7.595  1.00 0.23 ? 3  DA  A C5     1 
ATOM   74  C C6     . DA  A 1 3  ? -2.324  -10.509 -8.153  1.00 0.16 ? 3  DA  A C6     1 
ATOM   75  N N6     . DA  A 1 3  ? -3.552  -10.725 -7.638  1.00 0.13 ? 3  DA  A N6     1 
ATOM   76  N N1     . DA  A 1 3  ? -2.140  -9.779  -9.269  1.00 0.14 ? 3  DA  A N1     1 
ATOM   77  C C2     . DA  A 1 3  ? -0.938  -9.739  -9.847  1.00 0.16 ? 3  DA  A C2     1 
ATOM   78  N N3     . DA  A 1 3  ? 0.177   -10.351 -9.469  1.00 0.15 ? 3  DA  A N3     1 
ATOM   79  C C4     . DA  A 1 3  ? -0.006  -11.012 -8.298  1.00 0.19 ? 3  DA  A C4     1 
ATOM   80  H "H5'"  . DA  A 1 3  ? 1.772   -16.153 -8.873  1.00 0.14 ? 3  DA  A "H5'"  1 
ATOM   81  H "H5''" . DA  A 1 3  ? 3.454   -16.555 -9.010  1.00 0.32 ? 3  DA  A "H5''" 1 
ATOM   82  H "H4'"  . DA  A 1 3  ? 3.127   -14.369 -9.864  1.00 0.40 ? 3  DA  A "H4'"  1 
ATOM   83  H "H3'"  . DA  A 1 3  ? 4.838   -14.266 -7.420  1.00 0.26 ? 3  DA  A "H3'"  1 
ATOM   84  H "H2'"  . DA  A 1 3  ? 3.126   -12.928 -6.273  1.00 0.27 ? 3  DA  A "H2'"  1 
ATOM   85  H "H2''" . DA  A 1 3  ? 3.991   -11.656 -7.158  1.00 0.31 ? 3  DA  A "H2''" 1 
ATOM   86  H "H1'"  . DA  A 1 3  ? 2.399   -11.845 -9.077  1.00 0.21 ? 3  DA  A "H1'"  1 
ATOM   87  H H8     . DA  A 1 3  ? 0.674   -12.635 -5.586  1.00 0.51 ? 3  DA  A H8     1 
ATOM   88  H H61    . DA  A 1 3  ? -4.304  -10.246 -8.088  1.00 0.13 ? 3  DA  A H61    1 
ATOM   89  H H62    . DA  A 1 3  ? -3.676  -11.299 -6.829  1.00 0.17 ? 3  DA  A H62    1 
ATOM   90  H H2     . DA  A 1 3  ? -0.864  -9.142  -10.750 1.00 0.21 ? 3  DA  A H2     1 
ATOM   91  P P      . DA  A 1 4  ? 6.221   -12.085 -8.903  1.00 0.55 ? 4  DA  A P      1 
ATOM   92  O OP1    . DA  A 1 4  ? 7.081   -12.349 -10.024 1.00 0.82 ? 4  DA  A OP1    1 
ATOM   93  O OP2    . DA  A 1 4  ? 6.807   -12.234 -7.582  1.00 0.72 ? 4  DA  A OP2    1 
ATOM   94  O "O5'"  . DA  A 1 4  ? 5.597   -10.625 -9.083  1.00 0.44 ? 4  DA  A "O5'"  1 
ATOM   95  C "C5'"  . DA  A 1 4  ? 5.521   -10.058 -10.394 1.00 0.45 ? 4  DA  A "C5'"  1 
ATOM   96  C "C4'"  . DA  A 1 4  ? 4.774   -8.727  -10.557 1.00 0.28 ? 4  DA  A "C4'"  1 
ATOM   97  O "O4'"  . DA  A 1 4  ? 3.467   -8.765  -9.901  1.00 0.16 ? 4  DA  A "O4'"  1 
ATOM   98  C "C3'"  . DA  A 1 4  ? 5.483   -7.463  -9.994  1.00 0.37 ? 4  DA  A "C3'"  1 
ATOM   99  O "O3'"  . DA  A 1 4  ? 5.450   -6.438  -10.978 1.00 0.42 ? 4  DA  A "O3'"  1 
ATOM   100 C "C2'"  . DA  A 1 4  ? 4.572   -7.083  -8.773  1.00 0.35 ? 4  DA  A "C2'"  1 
ATOM   101 C "C1'"  . DA  A 1 4  ? 3.169   -7.551  -9.255  1.00 0.24 ? 4  DA  A "C1'"  1 
ATOM   102 N N9     . DA  A 1 4  ? 2.160   -7.806  -8.178  1.00 0.23 ? 4  DA  A N9     1 
ATOM   103 C C8     . DA  A 1 4  ? 2.234   -8.563  -7.026  1.00 0.26 ? 4  DA  A C8     1 
ATOM   104 N N7     . DA  A 1 4  ? 1.115   -8.654  -6.358  1.00 0.28 ? 4  DA  A N7     1 
ATOM   105 C C5     . DA  A 1 4  ? 0.230   -7.907  -7.093  1.00 0.25 ? 4  DA  A C5     1 
ATOM   106 C C6     . DA  A 1 4  ? -1.131  -7.661  -6.882  1.00 0.25 ? 4  DA  A C6     1 
ATOM   107 N N6     . DA  A 1 4  ? -1.804  -8.242  -5.863  1.00 0.24 ? 4  DA  A N6     1 
ATOM   108 N N1     . DA  A 1 4  ? -1.741  -6.864  -7.773  1.00 0.26 ? 4  DA  A N1     1 
ATOM   109 C C2     . DA  A 1 4  ? -1.069  -6.372  -8.811  1.00 0.29 ? 4  DA  A C2     1 
ATOM   110 N N3     . DA  A 1 4  ? 0.202   -6.579  -9.134  1.00 0.28 ? 4  DA  A N3     1 
ATOM   111 C C4     . DA  A 1 4  ? 0.821   -7.364  -8.211  1.00 0.25 ? 4  DA  A C4     1 
ATOM   112 H "H5'"  . DA  A 1 4  ? 5.017   -10.738 -11.076 1.00 0.61 ? 4  DA  A "H5'"  1 
ATOM   113 H "H5''" . DA  A 1 4  ? 6.530   -9.912  -10.763 1.00 0.58 ? 4  DA  A "H5''" 1 
ATOM   114 H "H4'"  . DA  A 1 4  ? 4.648   -8.683  -11.648 1.00 0.31 ? 4  DA  A "H4'"  1 
ATOM   115 H "H3'"  . DA  A 1 4  ? 6.539   -7.676  -9.752  1.00 0.44 ? 4  DA  A "H3'"  1 
ATOM   116 H "H2'"  . DA  A 1 4  ? 4.903   -7.615  -7.867  1.00 0.38 ? 4  DA  A "H2'"  1 
ATOM   117 H "H2''" . DA  A 1 4  ? 4.623   -6.010  -8.521  1.00 0.41 ? 4  DA  A "H2''" 1 
ATOM   118 H "H1'"  . DA  A 1 4  ? 2.651   -6.944  -9.998  1.00 0.37 ? 4  DA  A "H1'"  1 
ATOM   119 H H8     . DA  A 1 4  ? 3.149   -9.003  -6.642  1.00 0.29 ? 4  DA  A H8     1 
ATOM   120 H H61    . DA  A 1 4  ? -2.797  -8.142  -5.836  1.00 0.24 ? 4  DA  A H61    1 
ATOM   121 H H62    . DA  A 1 4  ? -1.323  -8.841  -5.229  1.00 0.27 ? 4  DA  A H62    1 
ATOM   122 H H2     . DA  A 1 4  ? -1.625  -5.706  -9.466  1.00 0.32 ? 4  DA  A H2     1 
ATOM   123 P P      . DG  A 1 5  ? 6.133   -5.031  -10.854 1.00 0.58 ? 5  DG  A P      1 
ATOM   124 O OP1    . DG  A 1 5  ? 6.229   -4.424  -12.158 1.00 0.78 ? 5  DG  A OP1    1 
ATOM   125 O OP2    . DG  A 1 5  ? 7.358   -5.187  -10.116 1.00 0.83 ? 5  DG  A OP2    1 
ATOM   126 O "O5'"  . DG  A 1 5  ? 5.126   -4.189  -10.016 1.00 0.40 ? 5  DG  A "O5'"  1 
ATOM   127 C "C5'"  . DG  A 1 5  ? 4.818   -2.930  -10.258 1.00 0.72 ? 5  DG  A "C5'"  1 
ATOM   128 C "C4'"  . DG  A 1 5  ? 3.440   -2.511  -10.730 1.00 0.40 ? 5  DG  A "C4'"  1 
ATOM   129 O "O4'"  . DG  A 1 5  ? 2.427   -3.379  -10.134 1.00 0.27 ? 5  DG  A "O4'"  1 
ATOM   130 C "C3'"  . DG  A 1 5  ? 3.093   -1.116  -10.249 1.00 0.50 ? 5  DG  A "C3'"  1 
ATOM   131 O "O3'"  . DG  A 1 5  ? 2.349   -0.430  -11.239 1.00 0.48 ? 5  DG  A "O3'"  1 
ATOM   132 C "C2'"  . DG  A 1 5  ? 2.214   -1.419  -8.992  1.00 0.58 ? 5  DG  A "C2'"  1 
ATOM   133 C "C1'"  . DG  A 1 5  ? 1.492   -2.716  -9.372  1.00 0.39 ? 5  DG  A "C1'"  1 
ATOM   134 N N9     . DG  A 1 5  ? 1.213   -3.573  -8.177  1.00 0.38 ? 5  DG  A N9     1 
ATOM   135 C C8     . DG  A 1 5  ? 2.078   -4.273  -7.366  1.00 0.36 ? 5  DG  A C8     1 
ATOM   136 N N7     . DG  A 1 5  ? 1.517   -4.780  -6.296  1.00 0.36 ? 5  DG  A N7     1 
ATOM   137 C C5     . DG  A 1 5  ? 0.197   -4.408  -6.387  1.00 0.37 ? 5  DG  A C5     1 
ATOM   138 C C6     . DG  A 1 5  ? -0.869  -4.673  -5.507  1.00 0.38 ? 5  DG  A C6     1 
ATOM   139 O O6     . DG  A 1 5  ? -0.819  -5.345  -4.475  1.00 0.36 ? 5  DG  A O6     1 
ATOM   140 N N1     . DG  A 1 5  ? -2.067  -4.077  -5.945  1.00 0.40 ? 5  DG  A N1     1 
ATOM   141 C C2     . DG  A 1 5  ? -2.229  -3.353  -7.117  1.00 0.44 ? 5  DG  A C2     1 
ATOM   142 N N2     . DG  A 1 5  ? -3.476  -2.948  -7.365  1.00 0.49 ? 5  DG  A N2     1 
ATOM   143 N N3     . DG  A 1 5  ? -1.211  -3.142  -7.948  1.00 0.44 ? 5  DG  A N3     1 
ATOM   144 C C4     . DG  A 1 5  ? -0.030  -3.670  -7.538  1.00 0.40 ? 5  DG  A C4     1 
ATOM   145 H "H5'"  . DG  A 1 5  ? 5.393   -2.567  -10.875 1.00 1.28 ? 5  DG  A "H5'"  1 
ATOM   146 H "H5''" . DG  A 1 5  ? 5.062   -2.506  -9.463  1.00 1.04 ? 5  DG  A "H5''" 1 
ATOM   147 H "H4'"  . DG  A 1 5  ? 3.444   -2.616  -11.825 1.00 0.35 ? 5  DG  A "H4'"  1 
ATOM   148 H "H3'"  . DG  A 1 5  ? 4.007   -0.564  -10.077 1.00 0.69 ? 5  DG  A "H3'"  1 
ATOM   149 H "H2'"  . DG  A 1 5  ? 2.774   -1.604  -8.076  1.00 0.69 ? 5  DG  A "H2'"  1 
ATOM   150 H "H2''" . DG  A 1 5  ? 1.573   -0.582  -8.751  1.00 0.76 ? 5  DG  A "H2''" 1 
ATOM   151 H "H1'"  . DG  A 1 5  ? 0.596   -2.673  -9.942  1.00 0.59 ? 5  DG  A "H1'"  1 
ATOM   152 H H8     . DG  A 1 5  ? 3.144   -4.331  -7.575  1.00 0.35 ? 5  DG  A H8     1 
ATOM   153 H H1     . DG  A 1 5  ? -2.879  -4.258  -5.373  1.00 0.39 ? 5  DG  A H1     1 
ATOM   154 H H21    . DG  A 1 5  ? -4.110  -2.918  -6.792  1.00 0.54 ? 5  DG  A H21    1 
ATOM   155 H H22    . DG  A 1 5  ? -3.784  -2.819  -8.153  1.00 0.88 ? 5  DG  A H22    1 
ATOM   156 P P      . DG  A 1 6  ? 2.248   1.125   -11.288 1.00 0.73 ? 6  DG  A P      1 
ATOM   157 O OP1    . DG  A 1 6  ? 1.677   1.497   -12.553 1.00 0.90 ? 6  DG  A OP1    1 
ATOM   158 O OP2    . DG  A 1 6  ? 3.561   1.641   -10.979 1.00 0.97 ? 6  DG  A OP2    1 
ATOM   159 O "O5'"  . DG  A 1 6  ? 1.226   1.478   -10.123 1.00 0.62 ? 6  DG  A "O5'"  1 
ATOM   160 C "C5'"  . DG  A 1 6  ? -0.172  1.294   -10.299 1.00 0.58 ? 6  DG  A "C5'"  1 
ATOM   161 C "C4'"  . DG  A 1 6  ? -1.024  1.468   -9.059  1.00 0.35 ? 6  DG  A "C4'"  1 
ATOM   162 O "O4'"  . DG  A 1 6  ? -0.956  0.329   -8.185  1.00 0.17 ? 6  DG  A "O4'"  1 
ATOM   163 C "C3'"  . DG  A 1 6  ? -0.694  2.653   -8.150  1.00 0.39 ? 6  DG  A "C3'"  1 
ATOM   164 O "O3'"  . DG  A 1 6  ? -1.548  3.757   -8.380  1.00 0.34 ? 6  DG  A "O3'"  1 
ATOM   165 C "C2'"  . DG  A 1 6  ? -0.921  2.079   -6.752  1.00 0.54 ? 6  DG  A "C2'"  1 
ATOM   166 C "C1'"  . DG  A 1 6  ? -1.438  0.674   -6.941  1.00 0.39 ? 6  DG  A "C1'"  1 
ATOM   167 N N9     . DG  A 1 6  ? -0.987  -0.332  -5.925  1.00 0.44 ? 6  DG  A N9     1 
ATOM   168 C C8     . DG  A 1 6  ? 0.253   -0.861  -5.765  1.00 0.46 ? 6  DG  A C8     1 
ATOM   169 N N7     . DG  A 1 6  ? 0.408   -1.556  -4.667  1.00 0.48 ? 6  DG  A N7     1 
ATOM   170 C C5     . DG  A 1 6  ? -0.824  -1.552  -4.071  1.00 0.47 ? 6  DG  A C5     1 
ATOM   171 C C6     . DG  A 1 6  ? -1.249  -2.173  -2.880  1.00 0.49 ? 6  DG  A C6     1 
ATOM   172 O O6     . DG  A 1 6  ? -0.574  -2.857  -2.119  1.00 0.51 ? 6  DG  A O6     1 
ATOM   173 N N1     . DG  A 1 6  ? -2.610  -1.930  -2.622  1.00 0.50 ? 6  DG  A N1     1 
ATOM   174 C C2     . DG  A 1 6  ? -3.465  -1.198  -3.420  1.00 0.50 ? 6  DG  A C2     1 
ATOM   175 N N2     . DG  A 1 6  ? -4.731  -1.177  -3.002  1.00 0.53 ? 6  DG  A N2     1 
ATOM   176 N N3     . DG  A 1 6  ? -3.037  -0.604  -4.540  1.00 0.48 ? 6  DG  A N3     1 
ATOM   177 C C4     . DG  A 1 6  ? -1.723  -0.808  -4.822  1.00 0.46 ? 6  DG  A C4     1 
ATOM   178 H "H5'"  . DG  A 1 6  ? -0.402  0.306   -10.700 1.00 0.67 ? 6  DG  A "H5'"  1 
ATOM   179 H "H5''" . DG  A 1 6  ? -0.510  2.020   -11.012 1.00 0.79 ? 6  DG  A "H5''" 1 
ATOM   180 H "H4'"  . DG  A 1 6  ? -2.059  1.531   -9.400  1.00 0.47 ? 6  DG  A "H4'"  1 
ATOM   181 H "H3'"  . DG  A 1 6  ? 0.355   2.919   -8.270  1.00 0.46 ? 6  DG  A "H3'"  1 
ATOM   182 H "H2'"  . DG  A 1 6  ? 0.015   2.056   -6.210  1.00 0.66 ? 6  DG  A "H2'"  1 
ATOM   183 H "H2''" . DG  A 1 6  ? -1.631  2.683   -6.214  1.00 0.72 ? 6  DG  A "H2''" 1 
ATOM   184 H "H1'"  . DG  A 1 6  ? -2.515  0.697   -7.003  1.00 0.52 ? 6  DG  A "H1'"  1 
ATOM   185 H H8     . DG  A 1 6  ? 0.989   -0.715  -6.548  1.00 0.48 ? 6  DG  A H8     1 
ATOM   186 H H1     . DG  A 1 6  ? -2.996  -2.377  -1.806  1.00 0.50 ? 6  DG  A H1     1 
ATOM   187 H H21    . DG  A 1 6  ? -5.065  -1.525  -2.296  1.00 0.68 ? 6  DG  A H21    1 
ATOM   188 H H22    . DG  A 1 6  ? -5.348  -0.979  -3.524  1.00 0.83 ? 6  DG  A H22    1 
ATOM   189 O OP3    . DC  B 2 1  ? -5.097  9.699   1.561   1.00 0.55 ? 8  DC  B OP3    1 
ATOM   190 P P      . DC  B 2 1  ? -5.458  9.092   0.039   1.00 1.50 ? 8  DC  B P      1 
ATOM   191 O OP1    . DC  B 2 1  ? -4.202  9.401   -0.918  1.00 0.00 ? 8  DC  B OP1    1 
ATOM   192 O OP2    . DC  B 2 1  ? -6.776  9.852   -0.488  1.00 0.00 ? 8  DC  B OP2    1 
ATOM   193 O "O5'"  . DC  B 2 1  ? -5.712  7.675   0.007   1.00 1.08 ? 8  DC  B "O5'"  1 
ATOM   194 C "C5'"  . DC  B 2 1  ? -6.818  6.924   -0.264  1.00 1.10 ? 8  DC  B "C5'"  1 
ATOM   195 C "C4'"  . DC  B 2 1  ? -6.982  5.645   0.444   1.00 0.65 ? 8  DC  B "C4'"  1 
ATOM   196 O "O4'"  . DC  B 2 1  ? -5.830  4.829   0.214   1.00 0.50 ? 8  DC  B "O4'"  1 
ATOM   197 C "C3'"  . DC  B 2 1  ? -7.088  5.730   1.918   1.00 0.60 ? 8  DC  B "C3'"  1 
ATOM   198 O "O3'"  . DC  B 2 1  ? -7.816  4.670   2.373   1.00 0.44 ? 8  DC  B "O3'"  1 
ATOM   199 C "C2'"  . DC  B 2 1  ? -5.585  5.638   2.324   1.00 0.56 ? 8  DC  B "C2'"  1 
ATOM   200 C "C1'"  . DC  B 2 1  ? -5.034  4.665   1.327   1.00 0.22 ? 8  DC  B "C1'"  1 
ATOM   201 N N1     . DC  B 2 1  ? -3.577  4.814   1.004   1.00 0.25 ? 8  DC  B N1     1 
ATOM   202 C C2     . DC  B 2 1  ? -2.630  4.076   1.797   1.00 0.25 ? 8  DC  B C2     1 
ATOM   203 O O2     . DC  B 2 1  ? -2.948  3.357   2.740   1.00 0.24 ? 8  DC  B O2     1 
ATOM   204 N N3     . DC  B 2 1  ? -1.322  4.137   1.434   1.00 0.27 ? 8  DC  B N3     1 
ATOM   205 C C4     . DC  B 2 1  ? -0.903  4.835   0.387   1.00 0.30 ? 8  DC  B C4     1 
ATOM   206 N N4     . DC  B 2 1  ? 0.388   4.827   0.057   1.00 0.33 ? 8  DC  B N4     1 
ATOM   207 C C5     . DC  B 2 1  ? -1.809  5.584   -0.403  1.00 0.31 ? 8  DC  B C5     1 
ATOM   208 C C6     . DC  B 2 1  ? -3.100  5.571   -0.064  1.00 0.29 ? 8  DC  B C6     1 
ATOM   209 H "H5'"  . DC  B 2 1  ? -6.787  6.719   -1.225  1.00 1.27 ? 8  DC  B "H5'"  1 
ATOM   210 H "H5''" . DC  B 2 1  ? -7.675  7.432   -0.094  1.00 1.35 ? 8  DC  B "H5''" 1 
ATOM   211 H "H4'"  . DC  B 2 1  ? -7.874  5.205   0.028   1.00 0.63 ? 8  DC  B "H4'"  1 
ATOM   212 H "H3'"  . DC  B 2 1  ? -7.624  6.611   2.113   1.00 0.88 ? 8  DC  B "H3'"  1 
ATOM   213 H "H2'"  . DC  B 2 1  ? -5.035  6.534   2.198   1.00 0.76 ? 8  DC  B "H2'"  1 
ATOM   214 H "H2''" . DC  B 2 1  ? -5.426  5.300   3.291   1.00 0.69 ? 8  DC  B "H2''" 1 
ATOM   215 H "H1'"  . DC  B 2 1  ? -5.210  3.679   1.587   1.00 0.29 ? 8  DC  B "H1'"  1 
ATOM   216 H H41    . DC  B 2 1  ? 0.952   4.350   0.432   1.00 0.47 ? 8  DC  B H41    1 
ATOM   217 H H42    . DC  B 2 1  ? 0.687   5.193   -0.562  1.00 0.74 ? 8  DC  B H42    1 
ATOM   218 H H5     . DC  B 2 1  ? -1.377  6.110   -1.213  1.00 0.31 ? 8  DC  B H5     1 
ATOM   219 H H6     . DC  B 2 1  ? -3.860  6.059   -0.623  1.00 0.29 ? 8  DC  B H6     1 
ATOM   220 P P      . DT  B 2 2  ? -8.574  4.526   3.636   1.00 0.76 ? 9  DT  B P      1 
ATOM   221 O OP1    . DT  B 2 2  ? -9.236  3.334   3.585   1.00 1.03 ? 9  DT  B OP1    1 
ATOM   222 O OP2    . DT  B 2 2  ? -9.329  5.668   3.780   1.00 1.15 ? 9  DT  B OP2    1 
ATOM   223 O "O5'"  . DT  B 2 2  ? -7.496  4.463   4.758   1.00 0.61 ? 9  DT  B "O5'"  1 
ATOM   224 C "C5'"  . DT  B 2 2  ? -7.036  3.400   5.461   1.00 0.62 ? 9  DT  B "C5'"  1 
ATOM   225 C "C4'"  . DT  B 2 2  ? -5.865  3.687   6.370   1.00 0.47 ? 9  DT  B "C4'"  1 
ATOM   226 O "O4'"  . DT  B 2 2  ? -4.649  3.952   5.616   1.00 0.29 ? 9  DT  B "O4'"  1 
ATOM   227 C "C3'"  . DT  B 2 2  ? -6.058  4.919   7.294   1.00 0.45 ? 9  DT  B "C3'"  1 
ATOM   228 O "O3'"  . DT  B 2 2  ? -5.621  4.612   8.604   1.00 0.59 ? 9  DT  B "O3'"  1 
ATOM   229 C "C2'"  . DT  B 2 2  ? -5.099  5.957   6.648   1.00 0.28 ? 9  DT  B "C2'"  1 
ATOM   230 C "C1'"  . DT  B 2 2  ? -3.937  5.078   6.141   1.00 0.28 ? 9  DT  B "C1'"  1 
ATOM   231 N N1     . DT  B 2 2  ? -2.938  5.685   5.150   1.00 0.28 ? 9  DT  B N1     1 
ATOM   232 C C2     . DT  B 2 2  ? -1.595  5.288   5.335   1.00 0.25 ? 9  DT  B C2     1 
ATOM   233 O O2     . DT  B 2 2  ? -1.149  4.533   6.182   1.00 0.28 ? 9  DT  B O2     1 
ATOM   234 N N3     . DT  B 2 2  ? -0.704  5.945   4.515   1.00 0.26 ? 9  DT  B N3     1 
ATOM   235 C C4     . DT  B 2 2  ? -0.913  7.002   3.669   1.00 0.36 ? 9  DT  B C4     1 
ATOM   236 O O4     . DT  B 2 2  ? 0.016   7.434   3.038   1.00 0.38 ? 9  DT  B O4     1 
ATOM   237 C C5     . DT  B 2 2  ? -2.277  7.504   3.677   1.00 0.50 ? 9  DT  B C5     1 
ATOM   238 C C7     . DT  B 2 2  ? -2.518  8.841   3.032   1.00 0.76 ? 9  DT  B C7     1 
ATOM   239 C C6     . DT  B 2 2  ? -3.232  6.793   4.309   1.00 0.42 ? 9  DT  B C6     1 
ATOM   240 H "H5'"  . DT  B 2 2  ? -6.775  2.617   4.841   1.00 0.70 ? 9  DT  B "H5'"  1 
ATOM   241 H "H5''" . DT  B 2 2  ? -7.816  3.086   6.031   1.00 0.85 ? 9  DT  B "H5''" 1 
ATOM   242 H "H4'"  . DT  B 2 2  ? -5.756  2.769   6.886   1.00 0.65 ? 9  DT  B "H4'"  1 
ATOM   243 H "H3'"  . DT  B 2 2  ? -7.102  5.200   7.318   1.00 0.49 ? 9  DT  B "H3'"  1 
ATOM   244 H "H2'"  . DT  B 2 2  ? -5.586  6.431   5.834   1.00 0.21 ? 9  DT  B "H2'"  1 
ATOM   245 H "H2''" . DT  B 2 2  ? -4.783  6.720   7.315   1.00 0.35 ? 9  DT  B "H2''" 1 
ATOM   246 H "H1'"  . DT  B 2 2  ? -3.275  4.672   6.890   1.00 0.31 ? 9  DT  B "H1'"  1 
ATOM   247 H H3     . DT  B 2 2  ? 0.215   5.645   4.637   1.00 0.26 ? 9  DT  B H3     1 
ATOM   248 H H71    . DT  B 2 2  ? -1.640  9.130   2.455   1.00 0.00 ? 9  DT  B H71    1 
ATOM   249 H H72    . DT  B 2 2  ? -3.382  8.775   2.371   1.00 0.00 ? 9  DT  B H72    1 
ATOM   250 H H73    . DT  B 2 2  ? -2.707  9.587   3.804   1.00 0.00 ? 9  DT  B H73    1 
ATOM   251 H H6     . DT  B 2 2  ? -4.234  6.951   4.142   1.00 0.48 ? 9  DT  B H6     1 
ATOM   252 P P      . DT  B 2 3  ? -5.956  5.447   9.885   1.00 0.45 ? 10 DT  B P      1 
ATOM   253 O OP1    . DT  B 2 3  ? -7.349  5.493   10.020  1.00 0.37 ? 10 DT  B OP1    1 
ATOM   254 O OP2    . DT  B 2 3  ? -5.308  6.732   9.879   1.00 0.67 ? 10 DT  B OP2    1 
ATOM   255 O "O5'"  . DT  B 2 3  ? -5.429  4.553   10.977  1.00 0.64 ? 10 DT  B "O5'"  1 
ATOM   256 C "C5'"  . DT  B 2 3  ? -4.434  4.573   11.812  1.00 1.01 ? 10 DT  B "C5'"  1 
ATOM   257 C "C4'"  . DT  B 2 3  ? -3.180  3.828   11.598  1.00 0.58 ? 10 DT  B "C4'"  1 
ATOM   258 O "O4'"  . DT  B 2 3  ? -2.540  4.306   10.413  1.00 0.43 ? 10 DT  B "O4'"  1 
ATOM   259 C "C3'"  . DT  B 2 3  ? -2.173  4.020   12.661  1.00 0.66 ? 10 DT  B "C3'"  1 
ATOM   260 O "O3'"  . DT  B 2 3  ? -1.444  2.876   12.891  1.00 0.55 ? 10 DT  B "O3'"  1 
ATOM   261 C "C2'"  . DT  B 2 3  ? -1.285  5.128   12.056  1.00 0.67 ? 10 DT  B "C2'"  1 
ATOM   262 C "C1'"  . DT  B 2 3  ? -1.294  4.778   10.599  1.00 0.28 ? 10 DT  B "C1'"  1 
ATOM   263 N N1     . DT  B 2 3  ? -1.036  5.899   9.624   1.00 0.30 ? 10 DT  B N1     1 
ATOM   264 C C2     . DT  B 2 3  ? 0.275   6.120   9.246   1.00 0.20 ? 10 DT  B C2     1 
ATOM   265 O O2     . DT  B 2 3  ? 1.232   5.606   9.735   1.00 0.27 ? 10 DT  B O2     1 
ATOM   266 N N3     . DT  B 2 3  ? 0.486   7.068   8.280   1.00 0.19 ? 10 DT  B N3     1 
ATOM   267 C C4     . DT  B 2 3  ? -0.432  7.816   7.637   1.00 0.31 ? 10 DT  B C4     1 
ATOM   268 O O4     . DT  B 2 3  ? -0.114  8.534   6.730   1.00 0.31 ? 10 DT  B O4     1 
ATOM   269 C C5     . DT  B 2 3  ? -1.768  7.635   8.160   1.00 0.53 ? 10 DT  B C5     1 
ATOM   270 C C7     . DT  B 2 3  ? -2.743  8.588   7.644   1.00 0.81 ? 10 DT  B C7     1 
ATOM   271 C C6     . DT  B 2 3  ? -2.030  6.665   9.052   1.00 0.50 ? 10 DT  B C6     1 
ATOM   272 H "H5'"  . DT  B 2 3  ? -4.699  4.244   12.564  1.00 1.55 ? 10 DT  B "H5'"  1 
ATOM   273 H "H5''" . DT  B 2 3  ? -4.303  5.435   11.920  1.00 1.35 ? 10 DT  B "H5''" 1 
ATOM   274 H "H4'"  . DT  B 2 3  ? -3.459  2.795   11.558  1.00 0.50 ? 10 DT  B "H4'"  1 
ATOM   275 H "H3'"  . DT  B 2 3  ? -2.712  4.226   13.542  1.00 0.92 ? 10 DT  B "H3'"  1 
ATOM   276 H "H2'"  . DT  B 2 3  ? -1.656  6.090   12.208  1.00 0.88 ? 10 DT  B "H2'"  1 
ATOM   277 H "H2''" . DT  B 2 3  ? -0.322  5.129   12.433  1.00 0.81 ? 10 DT  B "H2''" 1 
ATOM   278 H "H1'"  . DT  B 2 3  ? -0.675  3.963   10.442  1.00 0.28 ? 10 DT  B "H1'"  1 
ATOM   279 H H3     . DT  B 2 3  ? 1.420   7.331   8.182   1.00 0.16 ? 10 DT  B H3     1 
ATOM   280 H H71    . DT  B 2 3  ? -2.230  9.355   7.063   1.00 0.00 ? 10 DT  B H71    1 
ATOM   281 H H72    . DT  B 2 3  ? -3.458  8.069   7.007   1.00 0.00 ? 10 DT  B H72    1 
ATOM   282 H H73    . DT  B 2 3  ? -3.270  9.056   8.476   1.00 0.00 ? 10 DT  B H73    1 
ATOM   283 H H6     . DT  B 2 3  ? -3.019  6.498   9.282   1.00 0.65 ? 10 DT  B H6     1 
ATOM   284 P P      . DG  B 2 4  ? -0.864  2.508   14.244  1.00 0.77 ? 11 DG  B P      1 
ATOM   285 O OP1    . DG  B 2 4  ? -0.401  1.202   14.213  1.00 1.02 ? 11 DG  B OP1    1 
ATOM   286 O OP2    . DG  B 2 4  ? -1.847  2.796   15.192  1.00 1.08 ? 11 DG  B OP2    1 
ATOM   287 O "O5'"  . DG  B 2 4  ? 0.362   3.429   14.456  1.00 0.67 ? 11 DG  B "O5'"  1 
ATOM   288 C "C5'"  . DG  B 2 4  ? 1.641   3.056   14.187  1.00 0.75 ? 11 DG  B "C5'"  1 
ATOM   289 C "C4'"  . DG  B 2 4  ? 2.693   4.114   14.361  1.00 0.64 ? 11 DG  B "C4'"  1 
ATOM   290 O "O4'"  . DG  B 2 4  ? 2.569   5.175   13.367  1.00 0.49 ? 11 DG  B "O4'"  1 
ATOM   291 C "C3'"  . DG  B 2 4  ? 2.797   4.790   15.741  1.00 0.62 ? 11 DG  B "C3'"  1 
ATOM   292 O "O3'"  . DG  B 2 4  ? 4.168   4.883   16.110  1.00 0.69 ? 11 DG  B "O3'"  1 
ATOM   293 C "C2'"  . DG  B 2 4  ? 2.153   6.145   15.410  1.00 0.48 ? 11 DG  B "C2'"  1 
ATOM   294 C "C1'"  . DG  B 2 4  ? 2.726   6.423   14.023  1.00 0.49 ? 11 DG  B "C1'"  1 
ATOM   295 N N9     . DG  B 2 4  ? 2.146   7.515   13.198  1.00 0.52 ? 11 DG  B N9     1 
ATOM   296 C C8     . DG  B 2 4  ? 0.952   8.155   13.312  1.00 0.64 ? 11 DG  B C8     1 
ATOM   297 N N7     . DG  B 2 4  ? 0.677   8.977   12.331  1.00 0.58 ? 11 DG  B N7     1 
ATOM   298 C C5     . DG  B 2 4  ? 1.795   8.939   11.542  1.00 0.43 ? 11 DG  B C5     1 
ATOM   299 C C6     . DG  B 2 4  ? 2.076   9.639   10.363  1.00 0.33 ? 11 DG  B C6     1 
ATOM   300 O O6     . DG  B 2 4  ? 1.331   10.415  9.768   1.00 0.33 ? 11 DG  B O6     1 
ATOM   301 N N1     . DG  B 2 4  ? 3.377   9.379   9.915   1.00 0.23 ? 11 DG  B N1     1 
ATOM   302 C C2     . DG  B 2 4  ? 4.283   8.523   10.508  1.00 0.22 ? 11 DG  B C2     1 
ATOM   303 N N2     . DG  B 2 4  ? 5.490   8.554   9.947   1.00 0.16 ? 11 DG  B N2     1 
ATOM   304 N N3     . DG  B 2 4  ? 3.953   7.793   11.565  1.00 0.28 ? 11 DG  B N3     1 
ATOM   305 C C4     . DG  B 2 4  ? 2.730   8.054   12.057  1.00 0.40 ? 11 DG  B C4     1 
ATOM   306 H "H5'"  . DG  B 2 4  ? 1.731   2.708   13.187  1.00 0.83 ? 11 DG  B "H5'"  1 
ATOM   307 H "H5''" . DG  B 2 4  ? 1.884   2.267   14.835  1.00 0.96 ? 11 DG  B "H5''" 1 
ATOM   308 H "H4'"  . DG  B 2 4  ? 3.611   3.574   14.172  1.00 0.78 ? 11 DG  B "H4'"  1 
ATOM   309 H "H3'"  . DG  B 2 4  ? 2.232   4.220   16.487  1.00 0.66 ? 11 DG  B "H3'"  1 
ATOM   310 H "H2'"  . DG  B 2 4  ? 1.068   6.044   15.368  1.00 0.42 ? 11 DG  B "H2'"  1 
ATOM   311 H "H2''" . DG  B 2 4  ? 2.396   6.920   16.145  1.00 0.48 ? 11 DG  B "H2''" 1 
ATOM   312 H "H1'"  . DG  B 2 4  ? 3.807   6.637   14.075  1.00 0.50 ? 11 DG  B "H1'"  1 
ATOM   313 H H8     . DG  B 2 4  ? 0.434   8.097   14.227  1.00 0.84 ? 11 DG  B H8     1 
ATOM   314 H H1     . DG  B 2 4  ? 3.647   9.887   9.106   1.00 0.16 ? 11 DG  B H1     1 
ATOM   315 H H21    . DG  B 2 4  ? 5.713   9.032   9.303   1.00 0.51 ? 11 DG  B H21    1 
ATOM   316 H H22    . DG  B 2 4  ? 6.158   8.140   10.226  1.00 0.58 ? 11 DG  B H22    1 
ATOM   317 P P      . DG  B 2 5  ? 4.688   5.528   17.441  1.00 0.66 ? 12 DG  B P      1 
ATOM   318 O OP1    . DG  B 2 5  ? 4.544   4.585   18.491  1.00 0.55 ? 12 DG  B OP1    1 
ATOM   319 O OP2    . DG  B 2 5  ? 4.091   6.828   17.690  1.00 0.78 ? 12 DG  B OP2    1 
ATOM   320 O "O5'"  . DG  B 2 5  ? 6.185   5.686   17.133  1.00 0.89 ? 12 DG  B "O5'"  1 
ATOM   321 C "C5'"  . DG  B 2 5  ? 6.999   6.668   17.181  1.00 1.27 ? 12 DG  B "C5'"  1 
ATOM   322 C "C4'"  . DG  B 2 5  ? 7.610   7.271   15.962  1.00 0.88 ? 12 DG  B "C4'"  1 
ATOM   323 O "O4'"  . DG  B 2 5  ? 6.567   7.818   15.127  1.00 0.71 ? 12 DG  B "O4'"  1 
ATOM   324 C "C3'"  . DG  B 2 5  ? 8.504   8.436   16.281  1.00 0.90 ? 12 DG  B "C3'"  1 
ATOM   325 O "O3'"  . DG  B 2 5  ? 9.649   8.459   15.467  1.00 0.77 ? 12 DG  B "O3'"  1 
ATOM   326 C "C2'"  . DG  B 2 5  ? 7.578   9.640   15.967  1.00 0.79 ? 12 DG  B "C2'"  1 
ATOM   327 C "C1'"  . DG  B 2 5  ? 6.727   9.153   14.825  1.00 0.49 ? 12 DG  B "C1'"  1 
ATOM   328 N N9     . DG  B 2 5  ? 5.395   9.813   14.689  1.00 0.50 ? 12 DG  B N9     1 
ATOM   329 C C8     . DG  B 2 5  ? 4.319   9.781   15.527  1.00 0.63 ? 12 DG  B C8     1 
ATOM   330 N N7     . DG  B 2 5  ? 3.316   10.540  15.155  1.00 0.64 ? 12 DG  B N7     1 
ATOM   331 C C5     . DG  B 2 5  ? 3.718   11.091  13.971  1.00 0.49 ? 12 DG  B C5     1 
ATOM   332 C C6     . DG  B 2 5  ? 3.031   11.980  13.123  1.00 0.46 ? 12 DG  B C6     1 
ATOM   333 O O6     . DG  B 2 5  ? 1.920   12.466  13.306  1.00 0.56 ? 12 DG  B O6     1 
ATOM   334 N N1     . DG  B 2 5  ? 3.779   12.293  11.993  1.00 0.34 ? 12 DG  B N1     1 
ATOM   335 C C2     . DG  B 2 5  ? 5.034   11.813  11.699  1.00 0.26 ? 12 DG  B C2     1 
ATOM   336 N N2     . DG  B 2 5  ? 5.470   12.221  10.519  1.00 0.31 ? 12 DG  B N2     1 
ATOM   337 N N3     . DG  B 2 5  ? 5.688   11.004  12.532  1.00 0.28 ? 12 DG  B N3     1 
ATOM   338 C C4     . DG  B 2 5  ? 4.992   10.662  13.640  1.00 0.40 ? 12 DG  B C4     1 
ATOM   339 H "H5'"  . DG  B 2 5  ? 7.736   6.410   17.630  1.00 1.83 ? 12 DG  B "H5'"  1 
ATOM   340 H "H5''" . DG  B 2 5  ? 6.551   7.275   17.719  1.00 1.56 ? 12 DG  B "H5''" 1 
ATOM   341 H "H4'"  . DG  B 2 5  ? 8.168   6.464   15.462  1.00 0.81 ? 12 DG  B "H4'"  1 
ATOM   342 H "H3'"  . DG  B 2 5  ? 8.807   8.390   17.309  1.00 1.16 ? 12 DG  B "H3'"  1 
ATOM   343 H "H2'"  . DG  B 2 5  ? 6.947   9.874   16.817  1.00 0.96 ? 12 DG  B "H2'"  1 
ATOM   344 H "H2''" . DG  B 2 5  ? 8.136   10.531  15.761  1.00 0.83 ? 12 DG  B "H2''" 1 
ATOM   345 H "H1'"  . DG  B 2 5  ? 7.150   9.193   13.858  1.00 0.24 ? 12 DG  B "H1'"  1 
ATOM   346 H H8     . DG  B 2 5  ? 4.336   9.143   16.399  1.00 0.72 ? 12 DG  B H8     1 
ATOM   347 H H1     . DG  B 2 5  ? 3.324   12.882  11.324  1.00 0.36 ? 12 DG  B H1     1 
ATOM   348 H H21    . DG  B 2 5  ? 5.102   12.803  10.063  1.00 0.84 ? 12 DG  B H21    1 
ATOM   349 H H22    . DG  B 2 5  ? 6.202   11.980  10.138  1.00 0.32 ? 12 DG  B H22    1 
ATOM   350 P P      . DG  B 2 6  ? 11.046  8.853   15.987  1.00 0.79 ? 13 DG  B P      1 
ATOM   351 O OP1    . DG  B 2 6  ? 11.774  7.691   16.374  1.00 0.57 ? 13 DG  B OP1    1 
ATOM   352 O OP2    . DG  B 2 6  ? 10.925  9.856   16.984  1.00 1.12 ? 13 DG  B OP2    1 
ATOM   353 O "O5'"  . DG  B 2 6  ? 11.667  9.512   14.711  1.00 0.92 ? 13 DG  B "O5'"  1 
ATOM   354 C "C5'"  . DG  B 2 6  ? 12.001  8.770   13.564  1.00 0.87 ? 13 DG  B "C5'"  1 
ATOM   355 C "C4'"  . DG  B 2 6  ? 11.944  9.507   12.269  1.00 0.77 ? 13 DG  B "C4'"  1 
ATOM   356 O "O4'"  . DG  B 2 6  ? 10.603  10.011  11.965  1.00 0.67 ? 13 DG  B "O4'"  1 
ATOM   357 C "C3'"  . DG  B 2 6  ? 12.819  10.667  12.166  1.00 1.12 ? 13 DG  B "C3'"  1 
ATOM   358 O "O3'"  . DG  B 2 6  ? 13.483  10.684  11.000  1.00 1.37 ? 13 DG  B "O3'"  1 
ATOM   359 C "C2'"  . DG  B 2 6  ? 11.833  11.841  12.213  1.00 1.24 ? 13 DG  B "C2'"  1 
ATOM   360 C "C1'"  . DG  B 2 6  ? 10.483  11.366  11.797  1.00 0.88 ? 13 DG  B "C1'"  1 
ATOM   361 N N9     . DG  B 2 6  ? 9.376   11.895  12.583  1.00 0.82 ? 13 DG  B N9     1 
ATOM   362 C C8     . DG  B 2 6  ? 8.967   11.544  13.811  1.00 0.97 ? 13 DG  B C8     1 
ATOM   363 N N7     . DG  B 2 6  ? 7.971   12.238  14.229  1.00 1.09 ? 13 DG  B N7     1 
ATOM   364 C C5     . DG  B 2 6  ? 7.644   13.079  13.220  1.00 0.91 ? 13 DG  B C5     1 
ATOM   365 C C6     . DG  B 2 6  ? 6.607   14.006  13.124  1.00 0.93 ? 13 DG  B C6     1 
ATOM   366 O O6     . DG  B 2 6  ? 5.731   14.171  13.928  1.00 1.14 ? 13 DG  B O6     1 
ATOM   367 N N1     . DG  B 2 6  ? 6.605   14.697  11.937  1.00 0.71 ? 13 DG  B N1     1 
ATOM   368 C C2     . DG  B 2 6  ? 7.465   14.496  10.943  1.00 0.59 ? 13 DG  B C2     1 
ATOM   369 N N2     . DG  B 2 6  ? 7.167   15.274  9.925   1.00 0.51 ? 13 DG  B N2     1 
ATOM   370 N N3     . DG  B 2 6  ? 8.453   13.597  11.040  1.00 0.66 ? 13 DG  B N3     1 
ATOM   371 C C4     . DG  B 2 6  ? 8.492   12.914  12.187  1.00 0.75 ? 13 DG  B C4     1 
ATOM   372 H "H5'"  . DG  B 2 6  ? 11.374  7.942   13.452  1.00 0.98 ? 13 DG  B "H5'"  1 
ATOM   373 H "H5''" . DG  B 2 6  ? 12.989  8.358   13.637  1.00 0.99 ? 13 DG  B "H5''" 1 
ATOM   374 H "H4'"  . DG  B 2 6  ? 12.246  8.752   11.585  1.00 0.77 ? 13 DG  B "H4'"  1 
ATOM   375 H "H3'"  . DG  B 2 6  ? 13.608  10.590  12.885  1.00 1.25 ? 13 DG  B "H3'"  1 
ATOM   376 H "H2'"  . DG  B 2 6  ? 11.744  12.188  13.178  1.00 1.37 ? 13 DG  B "H2'"  1 
ATOM   377 H "H2''" . DG  B 2 6  ? 12.148  12.647  11.643  1.00 1.54 ? 13 DG  B "H2''" 1 
ATOM   378 H "H1'"  . DG  B 2 6  ? 10.164  11.565  10.832  1.00 0.99 ? 13 DG  B "H1'"  1 
ATOM   379 H H8     . DG  B 2 6  ? 9.394   10.724  14.377  1.00 1.02 ? 13 DG  B H8     1 
ATOM   380 H H1     . DG  B 2 6  ? 5.764   15.211  11.754  1.00 0.65 ? 13 DG  B H1     1 
ATOM   381 H H21    . DG  B 2 6  ? 6.530   15.805  9.961   1.00 0.43 ? 13 DG  B H21    1 
ATOM   382 H H22    . DG  B 2 6  ? 7.500   15.209  9.108   1.00 0.92 ? 13 DG  B H22    1 
ATOM   383 O "O5'"  . DC  C 3 1  ? 0.208   20.219  13.163  1.00 0.85 ? 14 DC  C "O5'"  1 
ATOM   384 C "C5'"  . DC  C 3 1  ? -0.242  19.786  12.154  1.00 0.82 ? 14 DC  C "C5'"  1 
ATOM   385 C "C4'"  . DC  C 3 1  ? 0.676   19.831  10.931  1.00 0.69 ? 14 DC  C "C4'"  1 
ATOM   386 O "O4'"  . DC  C 3 1  ? 1.967   19.233  11.253  1.00 0.51 ? 14 DC  C "O4'"  1 
ATOM   387 C "C3'"  . DC  C 3 1  ? 0.146   19.047  9.732   1.00 0.75 ? 14 DC  C "C3'"  1 
ATOM   388 O "O3'"  . DC  C 3 1  ? 0.647   19.600  8.538   1.00 0.70 ? 14 DC  C "O3'"  1 
ATOM   389 C "C2'"  . DC  C 3 1  ? 0.786   17.658  9.930   1.00 0.65 ? 14 DC  C "C2'"  1 
ATOM   390 C "C1'"  . DC  C 3 1  ? 2.146   17.956  10.641  1.00 0.49 ? 14 DC  C "C1'"  1 
ATOM   391 N N1     . DC  C 3 1  ? 2.514   17.004  11.739  1.00 0.54 ? 14 DC  C N1     1 
ATOM   392 C C2     . DC  C 3 1  ? 3.858   16.537  11.823  1.00 0.48 ? 14 DC  C C2     1 
ATOM   393 O O2     . DC  C 3 1  ? 4.717   16.774  10.970  1.00 0.39 ? 14 DC  C O2     1 
ATOM   394 N N3     . DC  C 3 1  ? 4.216   15.803  12.899  1.00 0.61 ? 14 DC  C N3     1 
ATOM   395 C C4     . DC  C 3 1  ? 3.350   15.492  13.851  1.00 0.75 ? 14 DC  C C4     1 
ATOM   396 N N4     . DC  C 3 1  ? 3.771   14.772  14.881  1.00 0.90 ? 14 DC  C N4     1 
ATOM   397 C C5     . DC  C 3 1  ? 2.004   15.920  13.783  1.00 0.80 ? 14 DC  C C5     1 
ATOM   398 C C6     . DC  C 3 1  ? 1.643   16.673  12.756  1.00 0.71 ? 14 DC  C C6     1 
ATOM   399 H "H5'"  . DC  C 3 1  ? -1.045  20.258  12.059  1.00 0.85 ? 14 DC  C "H5'"  1 
ATOM   400 H "H5''" . DC  C 3 1  ? -0.495  18.942  12.348  1.00 1.39 ? 14 DC  C "H5''" 1 
ATOM   401 H "H4'"  . DC  C 3 1  ? 0.783   20.893  10.690  1.00 0.73 ? 14 DC  C "H4'"  1 
ATOM   402 H "H3'"  . DC  C 3 1  ? -0.944  19.102  9.721   1.00 0.89 ? 14 DC  C "H3'"  1 
ATOM   403 H "H2'"  . DC  C 3 1  ? 0.158   17.048  10.584  1.00 0.78 ? 14 DC  C "H2'"  1 
ATOM   404 H "H2''" . DC  C 3 1  ? 0.867   17.120  8.973   1.00 0.62 ? 14 DC  C "H2''" 1 
ATOM   405 H "H1'"  . DC  C 3 1  ? 3.040   18.020  10.012  1.00 0.39 ? 14 DC  C "H1'"  1 
ATOM   406 H H41    . DC  C 3 1  ? 4.561   14.600  14.924  1.00 1.39 ? 14 DC  C H41    1 
ATOM   407 H H42    . DC  C 3 1  ? 3.324   14.392  15.545  1.00 0.65 ? 14 DC  C H42    1 
ATOM   408 H H5     . DC  C 3 1  ? 1.285   15.639  14.552  1.00 0.00 ? 14 DC  C H5     1 
ATOM   409 H H6     . DC  C 3 1  ? 0.620   17.045  12.712  1.00 0.00 ? 14 DC  C H6     1 
ATOM   410 H "HO5'" . DC  C 3 1  ? 1.026   20.003  13.085  1.00 1.00 ? 14 DC  C "HO5'" 1 
ATOM   411 P P      . DC  C 3 2  ? -0.093  19.628  7.214   1.00 0.72 ? 15 DC  C P      1 
ATOM   412 O OP1    . DC  C 3 2  ? 0.524   20.641  6.364   1.00 0.71 ? 15 DC  C OP1    1 
ATOM   413 O OP2    . DC  C 3 2  ? -1.509  19.728  7.488   1.00 0.81 ? 15 DC  C OP2    1 
ATOM   414 O "O5'"  . DC  C 3 2  ? 0.198   18.251  6.633   1.00 0.94 ? 15 DC  C "O5'"  1 
ATOM   415 C "C5'"  . DC  C 3 2  ? 1.116   18.050  5.696   1.00 1.23 ? 15 DC  C "C5'"  1 
ATOM   416 C "C4'"  . DC  C 3 2  ? 2.592   17.852  5.980   1.00 0.97 ? 15 DC  C "C4'"  1 
ATOM   417 O "O4'"  . DC  C 3 2  ? 2.774   17.096  7.223   1.00 0.89 ? 15 DC  C "O4'"  1 
ATOM   418 C "C3'"  . DC  C 3 2  ? 3.355   17.078  4.945   1.00 0.68 ? 15 DC  C "C3'"  1 
ATOM   419 O "O3'"  . DC  C 3 2  ? 4.700   17.427  4.953   1.00 0.59 ? 15 DC  C "O3'"  1 
ATOM   420 C "C2'"  . DC  C 3 2  ? 3.098   15.643  5.466   1.00 0.54 ? 15 DC  C "C2'"  1 
ATOM   421 C "C1'"  . DC  C 3 2  ? 3.187   15.786  6.985   1.00 0.59 ? 15 DC  C "C1'"  1 
ATOM   422 N N1     . DC  C 3 2  ? 2.404   14.856  7.889   1.00 0.56 ? 15 DC  C N1     1 
ATOM   423 C C2     . DC  C 3 2  ? 3.123   14.119  8.869   1.00 0.43 ? 15 DC  C C2     1 
ATOM   424 O O2     . DC  C 3 2  ? 4.333   13.906  8.780   1.00 0.41 ? 15 DC  C O2     1 
ATOM   425 N N3     . DC  C 3 2  ? 2.445   13.578  9.923   1.00 0.40 ? 15 DC  C N3     1 
ATOM   426 C C4     . DC  C 3 2  ? 1.123   13.630  10.013  1.00 0.48 ? 15 DC  C C4     1 
ATOM   427 N N4     . DC  C 3 2  ? 0.503   13.075  11.062  1.00 0.46 ? 15 DC  C N4     1 
ATOM   428 C C5     . DC  C 3 2  ? 0.375   14.277  9.008   1.00 0.66 ? 15 DC  C C5     1 
ATOM   429 C C6     . DC  C 3 2  ? 1.031   14.882  8.015   1.00 0.70 ? 15 DC  C C6     1 
ATOM   430 H "H5'"  . DC  C 3 2  ? 1.042   18.770  5.119   1.00 1.50 ? 15 DC  C "H5'"  1 
ATOM   431 H "H5''" . DC  C 3 2  ? 0.811   17.318  5.219   1.00 1.65 ? 15 DC  C "H5''" 1 
ATOM   432 H "H4'"  . DC  C 3 2  ? 2.979   18.861  6.042   1.00 1.11 ? 15 DC  C "H4'"  1 
ATOM   433 H "H3'"  . DC  C 3 2  ? 3.010   17.298  3.936   1.00 0.73 ? 15 DC  C "H3'"  1 
ATOM   434 H "H2'"  . DC  C 3 2  ? 2.118   15.276  5.190   1.00 0.67 ? 15 DC  C "H2'"  1 
ATOM   435 H "H2''" . DC  C 3 2  ? 3.871   14.992  5.093   1.00 0.39 ? 15 DC  C "H2''" 1 
ATOM   436 H "H1'"  . DC  C 3 2  ? 4.218   15.706  7.282   1.00 0.53 ? 15 DC  C "H1'"  1 
ATOM   437 H H41    . DC  C 3 2  ? 0.945   12.786  11.713  1.00 0.64 ? 15 DC  C H41    1 
ATOM   438 H H42    . DC  C 3 2  ? -0.325  12.768  11.096  1.00 0.69 ? 15 DC  C H42    1 
ATOM   439 H H5     . DC  C 3 2  ? -0.692  14.316  9.082   1.00 0.78 ? 15 DC  C H5     1 
ATOM   440 H H6     . DC  C 3 2  ? 0.451   15.426  7.305   1.00 0.86 ? 15 DC  C H6     1 
ATOM   441 P P      . DC  C 3 3  ? 5.799   16.883  4.036   1.00 0.36 ? 16 DC  C P      1 
ATOM   442 O OP1    . DC  C 3 3  ? 6.825   17.864  3.944   1.00 0.67 ? 16 DC  C OP1    1 
ATOM   443 O OP2    . DC  C 3 3  ? 5.222   16.450  2.794   1.00 0.25 ? 16 DC  C OP2    1 
ATOM   444 O "O5'"  . DC  C 3 3  ? 6.341   15.633  4.856   1.00 0.32 ? 16 DC  C "O5'"  1 
ATOM   445 C "C5'"  . DC  C 3 3  ? 7.063   15.800  6.073   1.00 0.42 ? 16 DC  C "C5'"  1 
ATOM   446 C "C4'"  . DC  C 3 3  ? 7.790   14.541  6.609   1.00 0.51 ? 16 DC  C "C4'"  1 
ATOM   447 O "O4'"  . DC  C 3 3  ? 6.823   13.530  7.058   1.00 0.44 ? 16 DC  C "O4'"  1 
ATOM   448 C "C3'"  . DC  C 3 3  ? 8.691   13.788  5.644   1.00 0.53 ? 16 DC  C "C3'"  1 
ATOM   449 O "O3'"  . DC  C 3 3  ? 9.699   13.097  6.363   1.00 0.75 ? 16 DC  C "O3'"  1 
ATOM   450 C "C2'"  . DC  C 3 3  ? 7.672   12.813  5.013   1.00 0.36 ? 16 DC  C "C2'"  1 
ATOM   451 C "C1'"  . DC  C 3 3  ? 6.892   12.352  6.268   1.00 0.28 ? 16 DC  C "C1'"  1 
ATOM   452 N N1     . DC  C 3 3  ? 5.516   11.784  6.181   1.00 0.17 ? 16 DC  C N1     1 
ATOM   453 C C2     . DC  C 3 3  ? 5.175   10.815  7.182   1.00 0.16 ? 16 DC  C C2     1 
ATOM   454 O O2     . DC  C 3 3  ? 6.023   10.079  7.695   1.00 0.21 ? 16 DC  C O2     1 
ATOM   455 N N3     . DC  C 3 3  ? 3.863   10.675  7.543   1.00 0.15 ? 16 DC  C N3     1 
ATOM   456 C C4     . DC  C 3 3  ? 2.886   11.290  6.887   1.00 0.22 ? 16 DC  C C4     1 
ATOM   457 N N4     . DC  C 3 3  ? 1.606   11.106  7.280   1.00 0.25 ? 16 DC  C N4     1 
ATOM   458 C C5     . DC  C 3 3  ? 3.194   12.112  5.761   1.00 0.36 ? 16 DC  C C5     1 
ATOM   459 C C6     . DC  C 3 3  ? 4.483   12.355  5.469   1.00 0.30 ? 16 DC  C C6     1 
ATOM   460 H "H5'"  . DC  C 3 3  ? 6.370   16.116  6.857   1.00 0.47 ? 16 DC  C "H5'"  1 
ATOM   461 H "H5''" . DC  C 3 3  ? 7.815   16.590  5.960   1.00 0.46 ? 16 DC  C "H5''" 1 
ATOM   462 H "H4'"  . DC  C 3 3  ? 8.360   14.933  7.441   1.00 0.72 ? 16 DC  C "H4'"  1 
ATOM   463 H "H3'"  . DC  C 3 3  ? 9.181   14.498  4.969   1.00 0.62 ? 16 DC  C "H3'"  1 
ATOM   464 H "H2'"  . DC  C 3 3  ? 7.001   13.337  4.314   1.00 0.33 ? 16 DC  C "H2'"  1 
ATOM   465 H "H2''" . DC  C 3 3  ? 8.207   12.032  4.465   1.00 0.44 ? 16 DC  C "H2''" 1 
ATOM   466 H "H1'"  . DC  C 3 3  ? 7.458   11.602  6.839   1.00 0.36 ? 16 DC  C "H1'"  1 
ATOM   467 H H41    . DC  C 3 3  ? 1.421   10.699  8.002   1.00 0.61 ? 16 DC  C H41    1 
ATOM   468 H H42    . DC  C 3 3  ? 0.899   11.301  6.843   1.00 0.54 ? 16 DC  C H42    1 
ATOM   469 H H5     . DC  C 3 3  ? 2.402   12.465  5.134   1.00 0.53 ? 16 DC  C H5     1 
ATOM   470 H H6     . DC  C 3 3  ? 4.729   12.910  4.580   1.00 0.43 ? 16 DC  C H6     1 
ATOM   471 P P      . DA  C 3 4  ? 10.736  12.074  5.866   1.00 0.97 ? 17 DA  C P      1 
ATOM   472 O OP1    . DA  C 3 4  ? 11.875  12.119  6.694   1.00 1.35 ? 17 DA  C OP1    1 
ATOM   473 O OP2    . DA  C 3 4  ? 10.957  12.330  4.488   1.00 1.11 ? 17 DA  C OP2    1 
ATOM   474 O "O5'"  . DA  C 3 4  ? 10.081  10.655  6.054   1.00 0.70 ? 17 DA  C "O5'"  1 
ATOM   475 C "C5'"  . DA  C 3 4  ? 9.797   10.109  7.306   1.00 0.55 ? 17 DA  C "C5'"  1 
ATOM   476 C "C4'"  . DA  C 3 4  ? 9.627   8.567   7.399   1.00 0.42 ? 17 DA  C "C4'"  1 
ATOM   477 O "O4'"  . DA  C 3 4  ? 8.199   8.216   7.295   1.00 0.27 ? 17 DA  C "O4'"  1 
ATOM   478 C "C3'"  . DA  C 3 4  ? 10.326  7.640   6.376   1.00 0.46 ? 17 DA  C "C3'"  1 
ATOM   479 O "O3'"  . DA  C 3 4  ? 10.587  6.373   6.981   1.00 0.45 ? 17 DA  C "O3'"  1 
ATOM   480 C "C2'"  . DA  C 3 4  ? 9.197   7.517   5.312   1.00 0.40 ? 17 DA  C "C2'"  1 
ATOM   481 C "C1'"  . DA  C 3 4  ? 7.950   7.322   6.208   1.00 0.23 ? 17 DA  C "C1'"  1 
ATOM   482 N N9     . DA  C 3 4  ? 6.606   7.678   5.664   1.00 0.18 ? 17 DA  C N9     1 
ATOM   483 C C8     . DA  C 3 4  ? 6.210   8.466   4.603   1.00 0.19 ? 17 DA  C C8     1 
ATOM   484 N N7     . DA  C 3 4  ? 4.928   8.736   4.586   1.00 0.20 ? 17 DA  C N7     1 
ATOM   485 C C5     . DA  C 3 4  ? 4.419   8.027   5.642   1.00 0.18 ? 17 DA  C C5     1 
ATOM   486 C C6     . DA  C 3 4  ? 3.098   7.880   6.095   1.00 0.18 ? 17 DA  C C6     1 
ATOM   487 N N6     . DA  C 3 4  ? 2.070   8.501   5.482   1.00 0.18 ? 17 DA  C N6     1 
ATOM   488 N N1     . DA  C 3 4  ? 2.912   7.075   7.162   1.00 0.19 ? 17 DA  C N1     1 
ATOM   489 C C2     . DA  C 3 4  ? 3.952   6.470   7.725   1.00 0.22 ? 17 DA  C C2     1 
ATOM   490 N N3     . DA  C 3 4  ? 5.216   6.558   7.392   1.00 0.21 ? 17 DA  C N3     1 
ATOM   491 C C4     . DA  C 3 4  ? 5.403   7.363   6.324   1.00 0.18 ? 17 DA  C C4     1 
ATOM   492 H "H5'"  . DA  C 3 4  ? 8.895   10.573  7.690   1.00 0.45 ? 17 DA  C "H5'"  1 
ATOM   493 H "H5''" . DA  C 3 4  ? 10.559  10.365  8.007   1.00 0.76 ? 17 DA  C "H5''" 1 
ATOM   494 H "H4'"  . DA  C 3 4  ? 9.994   8.381   8.409   1.00 0.51 ? 17 DA  C "H4'"  1 
ATOM   495 H "H3'"  . DA  C 3 4  ? 11.275  8.081   6.066   1.00 0.61 ? 17 DA  C "H3'"  1 
ATOM   496 H "H2'"  . DA  C 3 4  ? 9.107   8.451   4.748   1.00 0.50 ? 17 DA  C "H2'"  1 
ATOM   497 H "H2''" . DA  C 3 4  ? 9.367   6.695   4.612   1.00 0.44 ? 17 DA  C "H2''" 1 
ATOM   498 H "H1'"  . DA  C 3 4  ? 7.830   6.303   6.613   1.00 0.23 ? 17 DA  C "H1'"  1 
ATOM   499 H H8     . DA  C 3 4  ? 6.809   8.658   3.735   1.00 0.28 ? 17 DA  C H8     1 
ATOM   500 H H61    . DA  C 3 4  ? 1.164   8.425   5.862   1.00 0.18 ? 17 DA  C H61    1 
ATOM   501 H H62    . DA  C 3 4  ? 2.235   9.003   4.659   1.00 0.23 ? 17 DA  C H62    1 
ATOM   502 H H2     . DA  C 3 4  ? 3.729   5.827   8.557   1.00 0.26 ? 17 DA  C H2     1 
ATOM   503 P P      . DA  C 3 5  ? 11.175  5.090   6.345   1.00 0.58 ? 18 DA  C P      1 
ATOM   504 O OP1    . DA  C 3 5  ? 12.166  4.550   7.256   1.00 0.77 ? 18 DA  C OP1    1 
ATOM   505 O OP2    . DA  C 3 5  ? 11.625  5.399   5.002   1.00 0.76 ? 18 DA  C OP2    1 
ATOM   506 O "O5'"  . DA  C 3 5  ? 9.980   4.075   6.257   1.00 0.41 ? 18 DA  C "O5'"  1 
ATOM   507 C "C5'"  . DA  C 3 5  ? 9.619   3.340   7.395   1.00 0.40 ? 18 DA  C "C5'"  1 
ATOM   508 C "C4'"  . DA  C 3 5  ? 8.372   2.474   7.311   1.00 0.26 ? 18 DA  C "C4'"  1 
ATOM   509 O "O4'"  . DA  C 3 5  ? 7.224   3.292   7.010   1.00 0.28 ? 18 DA  C "O4'"  1 
ATOM   510 C "C3'"  . DA  C 3 5  ? 8.371   1.330   6.278   1.00 0.29 ? 18 DA  C "C3'"  1 
ATOM   511 O "O3'"  . DA  C 3 5  ? 7.916   0.127   6.867   1.00 0.35 ? 18 DA  C "O3'"  1 
ATOM   512 C "C2'"  . DA  C 3 5  ? 7.382   1.842   5.241   1.00 0.27 ? 18 DA  C "C2'"  1 
ATOM   513 C "C1'"  . DA  C 3 5  ? 6.419   2.657   6.069   1.00 0.22 ? 18 DA  C "C1'"  1 
ATOM   514 N N9     . DA  C 3 5  ? 5.692   3.697   5.297   1.00 0.22 ? 18 DA  C N9     1 
ATOM   515 C C8     . DA  C 3 5  ? 6.219   4.567   4.399   1.00 0.24 ? 18 DA  C C8     1 
ATOM   516 N N7     . DA  C 3 5  ? 5.337   5.261   3.736   1.00 0.23 ? 18 DA  C N7     1 
ATOM   517 C C5     . DA  C 3 5  ? 4.139   4.852   4.265   1.00 0.21 ? 18 DA  C C5     1 
ATOM   518 C C6     . DA  C 3 5  ? 2.830   5.259   3.978   1.00 0.22 ? 18 DA  C C6     1 
ATOM   519 N N6     . DA  C 3 5  ? 2.596   6.187   3.035   1.00 0.23 ? 18 DA  C N6     1 
ATOM   520 N N1     . DA  C 3 5  ? 1.845   4.689   4.699   1.00 0.22 ? 18 DA  C N1     1 
ATOM   521 C C2     . DA  C 3 5  ? 2.144   3.784   5.628   1.00 0.21 ? 18 DA  C C2     1 
ATOM   522 N N3     . DA  C 3 5  ? 3.339   3.322   5.972   1.00 0.20 ? 18 DA  C N3     1 
ATOM   523 C C4     . DA  C 3 5  ? 4.312   3.904   5.237   1.00 0.20 ? 18 DA  C C4     1 
ATOM   524 H "H5'"  . DA  C 3 5  ? 9.432   3.995   8.205   1.00 0.57 ? 18 DA  C "H5'"  1 
ATOM   525 H "H5''" . DA  C 3 5  ? 10.436  2.726   7.661   1.00 0.53 ? 18 DA  C "H5''" 1 
ATOM   526 H "H4'"  . DA  C 3 5  ? 8.202   2.066   8.303   1.00 0.31 ? 18 DA  C "H4'"  1 
ATOM   527 H "H3'"  . DA  C 3 5  ? 9.360   1.189   5.836   1.00 0.34 ? 18 DA  C "H3'"  1 
ATOM   528 H "H2'"  . DA  C 3 5  ? 7.912   2.459   4.529   1.00 0.29 ? 18 DA  C "H2'"  1 
ATOM   529 H "H2''" . DA  C 3 5  ? 6.885   1.039   4.719   1.00 0.35 ? 18 DA  C "H2''" 1 
ATOM   530 H "H1'"  . DA  C 3 5  ? 5.722   2.010   6.607   1.00 0.22 ? 18 DA  C "H1'"  1 
ATOM   531 H H8     . DA  C 3 5  ? 7.277   4.642   4.312   1.00 0.26 ? 18 DA  C H8     1 
ATOM   532 H H61    . DA  C 3 5  ? 1.676   6.543   2.983   1.00 0.26 ? 18 DA  C H61    1 
ATOM   533 H H62    . DA  C 3 5  ? 3.357   6.628   2.604   1.00 0.24 ? 18 DA  C H62    1 
ATOM   534 H H2     . DA  C 3 5  ? 1.310   3.365   6.169   1.00 0.22 ? 18 DA  C H2     1 
ATOM   535 P P      . DG  C 3 6  ? 7.769   -1.301  6.208   1.00 0.35 ? 19 DG  C P      1 
ATOM   536 O OP1    . DG  C 3 6  ? 8.546   -2.260  6.992   1.00 0.37 ? 19 DG  C OP1    1 
ATOM   537 O OP2    . DG  C 3 6  ? 8.051   -1.233  4.766   1.00 0.37 ? 19 DG  C OP2    1 
ATOM   538 O "O5'"  . DG  C 3 6  ? 6.231   -1.584  6.385   1.00 0.38 ? 19 DG  C "O5'"  1 
ATOM   539 C "C5'"  . DG  C 3 6  ? 5.671   -1.858  7.652   1.00 0.54 ? 19 DG  C "C5'"  1 
ATOM   540 C "C4'"  . DG  C 3 6  ? 4.145   -1.904  7.712   1.00 0.36 ? 19 DG  C "C4'"  1 
ATOM   541 O "O4'"  . DG  C 3 6  ? 3.606   -0.688  7.108   1.00 0.28 ? 19 DG  C "O4'"  1 
ATOM   542 C "C3'"  . DG  C 3 6  ? 3.510   -3.078  6.949   1.00 0.40 ? 19 DG  C "C3'"  1 
ATOM   543 O "O3'"  . DG  C 3 6  ? 2.328   -3.489  7.613   1.00 0.38 ? 19 DG  C "O3'"  1 
ATOM   544 C "C2'"  . DG  C 3 6  ? 3.178   -2.393  5.590   1.00 0.35 ? 19 DG  C "C2'"  1 
ATOM   545 C "C1'"  . DG  C 3 6  ? 2.737   -0.982  6.055   1.00 0.20 ? 19 DG  C "C1'"  1 
ATOM   546 N N9     . DG  C 3 6  ? 2.840   0.064   4.997   1.00 0.22 ? 19 DG  C N9     1 
ATOM   547 C C8     . DG  C 3 6  ? 3.917   0.488   4.245   1.00 0.28 ? 19 DG  C C8     1 
ATOM   548 N N7     . DG  C 3 6  ? 3.594   1.256   3.232   1.00 0.29 ? 19 DG  C N7     1 
ATOM   549 C C5     . DG  C 3 6  ? 2.237   1.425   3.349   1.00 0.25 ? 19 DG  C C5     1 
ATOM   550 C C6     . DG  C 3 6  ? 1.373   2.205   2.562   1.00 0.26 ? 19 DG  C C6     1 
ATOM   551 O O6     . DG  C 3 6  ? 1.679   2.865   1.570   1.00 0.28 ? 19 DG  C O6     1 
ATOM   552 N N1     . DG  C 3 6  ? 0.055   2.164   3.045   1.00 0.25 ? 19 DG  C N1     1 
ATOM   553 C C2     . DG  C 3 6  ? -0.383  1.434   4.143   1.00 0.23 ? 19 DG  C C2     1 
ATOM   554 N N2     . DG  C 3 6  ? -1.693  1.576   4.387   1.00 0.26 ? 19 DG  C N2     1 
ATOM   555 N N3     . DG  C 3 6  ? 0.449   0.681   4.851   1.00 0.21 ? 19 DG  C N3     1 
ATOM   556 C C4     . DG  C 3 6  ? 1.734   0.710   4.426   1.00 0.22 ? 19 DG  C C4     1 
ATOM   557 H "H5'"  . DG  C 3 6  ? 5.975   -1.124  8.340   1.00 0.66 ? 19 DG  C "H5'"  1 
ATOM   558 H "H5''" . DG  C 3 6  ? 6.038   -2.786  7.992   1.00 0.80 ? 19 DG  C "H5''" 1 
ATOM   559 H "H4'"  . DG  C 3 6  ? 3.881   -1.925  8.784   1.00 0.35 ? 19 DG  C "H4'"  1 
ATOM   560 H "H3'"  . DG  C 3 6  ? 4.186   -3.934  6.919   1.00 0.55 ? 19 DG  C "H3'"  1 
ATOM   561 H "H2'"  . DG  C 3 6  ? 4.040   -2.344  4.907   1.00 0.39 ? 19 DG  C "H2'"  1 
ATOM   562 H "H2''" . DG  C 3 6  ? 2.439   -2.950  5.011   1.00 0.45 ? 19 DG  C "H2''" 1 
ATOM   563 H "H1'"  . DG  C 3 6  ? 1.756   -0.864  6.506   1.00 0.27 ? 19 DG  C "H1'"  1 
ATOM   564 H H8     . DG  C 3 6  ? 4.939   0.303   4.533   1.00 0.32 ? 19 DG  C H8     1 
ATOM   565 H H1     . DG  C 3 6  ? -0.581  2.785   2.582   1.00 0.25 ? 19 DG  C H1     1 
ATOM   566 H H21    . DG  C 3 6  ? -2.230  2.074   3.963   1.00 0.61 ? 19 DG  C H21    1 
ATOM   567 H H22    . DG  C 3 6  ? -2.134  1.031   4.852   1.00 0.54 ? 19 DG  C H22    1 
ATOM   568 P P      . DG  C 3 7  ? 1.321   -4.619  7.191   1.00 0.42 ? 20 DG  C P      1 
ATOM   569 O OP1    . DG  C 3 7  ? 0.912   -5.314  8.406   1.00 0.43 ? 20 DG  C OP1    1 
ATOM   570 O OP2    . DG  C 3 7  ? 1.882   -5.437  6.121   1.00 0.57 ? 20 DG  C OP2    1 
ATOM   571 O "O5'"  . DG  C 3 7  ? 0.105   -3.787  6.623   1.00 0.41 ? 20 DG  C "O5'"  1 
ATOM   572 C "C5'"  . DG  C 3 7  ? -1.093  -4.211  6.301   1.00 0.75 ? 20 DG  C "C5'"  1 
ATOM   573 C "C4'"  . DG  C 3 7  ? -2.310  -3.322  6.302   1.00 0.50 ? 20 DG  C "C4'"  1 
ATOM   574 O "O4'"  . DG  C 3 7  ? -1.965  -2.022  5.784   1.00 0.30 ? 20 DG  C "O4'"  1 
ATOM   575 C "C3'"  . DG  C 3 7  ? -3.423  -3.810  5.431   1.00 0.81 ? 20 DG  C "C3'"  1 
ATOM   576 O "O3'"  . DG  C 3 7  ? -4.556  -4.254  6.123   1.00 0.63 ? 20 DG  C "O3'"  1 
ATOM   577 C "C2'"  . DG  C 3 7  ? -3.731  -2.623  4.608   1.00 1.14 ? 20 DG  C "C2'"  1 
ATOM   578 C "C1'"  . DG  C 3 7  ? -2.669  -1.616  4.687   1.00 0.71 ? 20 DG  C "C1'"  1 
ATOM   579 N N9     . DG  C 3 7  ? -1.785  -1.559  3.490   1.00 0.64 ? 20 DG  C N9     1 
ATOM   580 C C8     . DG  C 3 7  ? -0.596  -2.182  3.319   1.00 0.62 ? 20 DG  C C8     1 
ATOM   581 N N7     . DG  C 3 7  ? 0.028   -1.880  2.218   1.00 0.59 ? 20 DG  C N7     1 
ATOM   582 C C5     . DG  C 3 7  ? -0.792  -0.966  1.605   1.00 0.55 ? 20 DG  C C5     1 
ATOM   583 C C6     . DG  C 3 7  ? -0.614  -0.274  0.401   1.00 0.51 ? 20 DG  C C6     1 
ATOM   584 O O6     . DG  C 3 7  ? 0.364   -0.315  -0.323  1.00 0.49 ? 20 DG  C O6     1 
ATOM   585 N N1     . DG  C 3 7  ? -1.711  0.537   0.096   1.00 0.51 ? 20 DG  C N1     1 
ATOM   586 C C2     . DG  C 3 7  ? -2.840  0.677   0.866   1.00 0.59 ? 20 DG  C C2     1 
ATOM   587 N N2     . DG  C 3 7  ? -3.763  1.461   0.316   1.00 0.63 ? 20 DG  C N2     1 
ATOM   588 N N3     . DG  C 3 7  ? -2.976  0.042   2.036   1.00 0.64 ? 20 DG  C N3     1 
ATOM   589 C C4     . DG  C 3 7  ? -1.941  -0.764  2.352   1.00 0.60 ? 20 DG  C C4     1 
ATOM   590 H "H5'"  . DG  C 3 7  ? -1.320  -4.879  6.854   1.00 1.17 ? 20 DG  C "H5'"  1 
ATOM   591 H "H5''" . DG  C 3 7  ? -0.977  -4.592  5.489   1.00 1.23 ? 20 DG  C "H5''" 1 
ATOM   592 H "H4'"  . DG  C 3 7  ? -2.608  -3.285  7.352   1.00 0.38 ? 20 DG  C "H4'"  1 
ATOM   593 H "H3'"  . DG  C 3 7  ? -3.035  -4.613  4.901   1.00 1.08 ? 20 DG  C "H3'"  1 
ATOM   594 H "H2'"  . DG  C 3 7  ? -3.764  -2.852  3.635   1.00 1.51 ? 20 DG  C "H2'"  1 
ATOM   595 H "H2''" . DG  C 3 7  ? -4.681  -2.302  4.750   1.00 1.44 ? 20 DG  C "H2''" 1 
ATOM   596 H "H1'"  . DG  C 3 7  ? -2.912  -0.673  4.961   1.00 0.89 ? 20 DG  C "H1'"  1 
ATOM   597 H H8     . DG  C 3 7  ? -0.284  -2.900  4.060   1.00 0.67 ? 20 DG  C H8     1 
ATOM   598 H H1     . DG  C 3 7  ? -1.632  1.063   -0.749  1.00 0.46 ? 20 DG  C H1     1 
ATOM   599 H H21    . DG  C 3 7  ? -3.579  1.951   -0.515  1.00 0.59 ? 20 DG  C H21    1 
ATOM   600 H H22    . DG  C 3 7  ? -4.563  1.614   0.847   1.00 0.71 ? 20 DG  C H22    1 
ATOM   601 P P      . DC  C 3 8  ? -5.421  -5.483  5.668   1.00 0.63 ? 21 DC  C P      1 
ATOM   602 O OP1    . DC  C 3 8  ? -5.939  -6.124  6.841   1.00 0.47 ? 21 DC  C OP1    1 
ATOM   603 O OP2    . DC  C 3 8  ? -4.660  -6.345  4.751   1.00 0.74 ? 21 DC  C OP2    1 
ATOM   604 O "O5'"  . DC  C 3 8  ? -6.591  -4.796  4.897   1.00 0.84 ? 21 DC  C "O5'"  1 
ATOM   605 C "C5'"  . DC  C 3 8  ? -7.398  -5.337  4.109   1.00 1.03 ? 21 DC  C "C5'"  1 
ATOM   606 C "C4'"  . DC  C 3 8  ? -8.233  -4.491  3.111   1.00 0.88 ? 21 DC  C "C4'"  1 
ATOM   607 O "O4'"  . DC  C 3 8  ? -7.370  -3.514  2.455   1.00 0.76 ? 21 DC  C "O4'"  1 
ATOM   608 C "C3'"  . DC  C 3 8  ? -8.797  -5.322  1.959   1.00 0.87 ? 21 DC  C "C3'"  1 
ATOM   609 O "O3'"  . DC  C 3 8  ? -9.927  -4.690  1.362   1.00 0.82 ? 21 DC  C "O3'"  1 
ATOM   610 C "C2'"  . DC  C 3 8  ? -7.535  -5.414  1.051   1.00 0.73 ? 21 DC  C "C2'"  1 
ATOM   611 C "C1'"  . DC  C 3 8  ? -7.034  -3.913  1.134   1.00 0.67 ? 21 DC  C "C1'"  1 
ATOM   612 N N1     . DC  C 3 8  ? -5.534  -3.837  1.012   1.00 0.64 ? 21 DC  C N1     1 
ATOM   613 C C2     . DC  C 3 8  ? -4.949  -3.056  -0.029  1.00 0.58 ? 21 DC  C C2     1 
ATOM   614 O O2     . DC  C 3 8  ? -5.617  -2.337  -0.763  1.00 0.54 ? 21 DC  C O2     1 
ATOM   615 N N3     . DC  C 3 8  ? -3.599  -3.115  -0.223  1.00 0.56 ? 21 DC  C N3     1 
ATOM   616 C C4     . DC  C 3 8  ? -2.813  -3.849  0.577   1.00 0.60 ? 21 DC  C C4     1 
ATOM   617 N N4     . DC  C 3 8  ? -1.493  -3.913  0.358   1.00 0.59 ? 21 DC  C N4     1 
ATOM   618 C C5     . DC  C 3 8  ? -3.364  -4.594  1.659   1.00 0.66 ? 21 DC  C C5     1 
ATOM   619 C C6     . DC  C 3 8  ? -4.688  -4.577  1.827   1.00 0.66 ? 21 DC  C C6     1 
ATOM   620 H "H5'"  . DC  C 3 8  ? -7.960  -5.823  4.618   1.00 1.60 ? 21 DC  C "H5'"  1 
ATOM   621 H "H5''" . DC  C 3 8  ? -6.888  -5.945  3.647   1.00 1.13 ? 21 DC  C "H5''" 1 
ATOM   622 H "H4'"  . DC  C 3 8  ? -9.040  -3.999  3.680   1.00 0.91 ? 21 DC  C "H4'"  1 
ATOM   623 H "H3'"  . DC  C 3 8  ? -9.144  -6.284  2.346   1.00 1.01 ? 21 DC  C "H3'"  1 
ATOM   624 H "H2'"  . DC  C 3 8  ? -6.830  -6.089  1.571   1.00 0.73 ? 21 DC  C "H2'"  1 
ATOM   625 H "H2''" . DC  C 3 8  ? -7.817  -5.778  0.056   1.00 0.70 ? 21 DC  C "H2''" 1 
ATOM   626 H "H1'"  . DC  C 3 8  ? -7.490  -3.129  0.523   1.00 0.63 ? 21 DC  C "H1'"  1 
ATOM   627 H H41    . DC  C 3 8  ? -1.073  -3.523  -0.279  1.00 0.79 ? 21 DC  C H41    1 
ATOM   628 H H42    . DC  C 3 8  ? -0.934  -4.111  0.923   1.00 0.82 ? 21 DC  C H42    1 
ATOM   629 H H5     . DC  C 3 8  ? -2.738  -5.170  2.326   1.00 0.70 ? 21 DC  C H5     1 
ATOM   630 H H6     . DC  C 3 8  ? -5.137  -5.180  2.606   1.00 0.70 ? 21 DC  C H6     1 
ATOM   631 P P      . DC  C 3 9  ? -10.593 -5.041  -0.025  1.00 0.88 ? 22 DC  C P      1 
ATOM   632 O OP1    . DC  C 3 9  ? -11.954 -4.495  -0.033  1.00 0.91 ? 22 DC  C OP1    1 
ATOM   633 O OP2    . DC  C 3 9  ? -10.421 -6.469  -0.304  1.00 1.07 ? 22 DC  C OP2    1 
ATOM   634 O "O5'"  . DC  C 3 9  ? -9.687  -4.255  -1.060  1.00 0.72 ? 22 DC  C "O5'"  1 
ATOM   635 C "C5'"  . DC  C 3 9  ? -9.634  -2.830  -1.105  1.00 0.65 ? 22 DC  C "C5'"  1 
ATOM   636 C "C4'"  . DC  C 3 9  ? -9.350  -2.229  -2.502  1.00 0.53 ? 22 DC  C "C4'"  1 
ATOM   637 O "O4'"  . DC  C 3 9  ? -7.908  -2.307  -2.795  1.00 0.39 ? 22 DC  C "O4'"  1 
ATOM   638 C "C3'"  . DC  C 3 9  ? -10.040 -2.886  -3.715  1.00 0.66 ? 22 DC  C "C3'"  1 
ATOM   639 O "O3'"  . DC  C 3 9  ? -10.313 -1.922  -4.718  1.00 0.67 ? 22 DC  C "O3'"  1 
ATOM   640 C "C2'"  . DC  C 3 9  ? -8.939  -3.919  -4.181  1.00 0.63 ? 22 DC  C "C2'"  1 
ATOM   641 C "C1'"  . DC  C 3 9  ? -7.618  -3.144  -3.917  1.00 0.46 ? 22 DC  C "C1'"  1 
ATOM   642 N N1     . DC  C 3 9  ? -6.450  -4.053  -3.579  1.00 0.43 ? 22 DC  C N1     1 
ATOM   643 C C2     . DC  C 3 9  ? -5.281  -3.956  -4.397  1.00 0.39 ? 22 DC  C C2     1 
ATOM   644 O O2     . DC  C 3 9  ? -5.217  -3.204  -5.372  1.00 0.37 ? 22 DC  C O2     1 
ATOM   645 N N3     . DC  C 3 9  ? -4.178  -4.691  -4.069  1.00 0.36 ? 22 DC  C N3     1 
ATOM   646 C C4     . DC  C 3 9  ? -4.157  -5.489  -3.005  1.00 0.39 ? 22 DC  C C4     1 
ATOM   647 N N4     . DC  C 3 9  ? -3.026  -6.151  -2.720  1.00 0.38 ? 22 DC  C N4     1 
ATOM   648 C C5     . DC  C 3 9  ? -5.313  -5.635  -2.178  1.00 0.43 ? 22 DC  C C5     1 
ATOM   649 C C6     . DC  C 3 9  ? -6.417  -4.921  -2.479  1.00 0.44 ? 22 DC  C C6     1 
ATOM   650 H "H5'"  . DC  C 3 9  ? -8.850  -2.484  -0.420  1.00 0.61 ? 22 DC  C "H5'"  1 
ATOM   651 H "H5''" . DC  C 3 9  ? -10.577 -2.394  -0.741  1.00 0.74 ? 22 DC  C "H5''" 1 
ATOM   652 H "H4'"  . DC  C 3 9  ? -9.705  -1.188  -2.388  1.00 0.49 ? 22 DC  C "H4'"  1 
ATOM   653 H "H3'"  . DC  C 3 9  ? -11.010 -3.256  -3.355  1.00 0.78 ? 22 DC  C "H3'"  1 
ATOM   654 H "H2'"  . DC  C 3 9  ? -8.916  -4.799  -3.517  1.00 0.65 ? 22 DC  C "H2'"  1 
ATOM   655 H "H2''" . DC  C 3 9  ? -9.041  -4.177  -5.243  1.00 0.69 ? 22 DC  C "H2''" 1 
ATOM   656 H "H1'"  . DC  C 3 9  ? -7.292  -2.464  -4.708  1.00 0.47 ? 22 DC  C "H1'"  1 
ATOM   657 H H41    . DC  C 3 9  ? -2.292  -6.066  -3.155  1.00 0.71 ? 22 DC  C H41    1 
ATOM   658 H H42    . DC  C 3 9  ? -2.907  -6.655  -2.066  1.00 0.59 ? 22 DC  C H42    1 
ATOM   659 H H5     . DC  C 3 9  ? -5.228  -6.314  -1.335  1.00 0.44 ? 22 DC  C H5     1 
ATOM   660 H H6     . DC  C 3 9  ? -7.300  -5.018  -1.853  1.00 0.46 ? 22 DC  C H6     1 
ATOM   661 P P      . DT  C 3 10 ? -11.021 -2.158  -6.106  1.00 0.87 ? 23 DT  C P      1 
ATOM   662 O OP1    . DT  C 3 10 ? -11.616 -0.907  -6.510  1.00 1.00 ? 23 DT  C OP1    1 
ATOM   663 O OP2    . DT  C 3 10 ? -11.912 -3.293  -6.008  1.00 1.08 ? 23 DT  C OP2    1 
ATOM   664 O "O5'"  . DT  C 3 10 ? -9.837  -2.499  -7.112  1.00 0.75 ? 23 DT  C "O5'"  1 
ATOM   665 C "C5'"  . DT  C 3 10 ? -8.875  -1.491  -7.372  1.00 0.68 ? 23 DT  C "C5'"  1 
ATOM   666 C "C4'"  . DT  C 3 10 ? -7.799  -1.856  -8.364  1.00 0.49 ? 23 DT  C "C4'"  1 
ATOM   667 O "O4'"  . DT  C 3 10 ? -7.005  -2.929  -7.831  1.00 0.24 ? 23 DT  C "O4'"  1 
ATOM   668 C "C3'"  . DT  C 3 10 ? -8.240  -2.319  -9.768  1.00 0.67 ? 23 DT  C "C3'"  1 
ATOM   669 O "O3'"  . DT  C 3 10 ? -7.580  -1.543  -10.760 1.00 0.71 ? 23 DT  C "O3'"  1 
ATOM   670 C "C2'"  . DT  C 3 10 ? -7.749  -3.810  -9.795  1.00 0.64 ? 23 DT  C "C2'"  1 
ATOM   671 C "C1'"  . DT  C 3 10 ? -6.605  -3.845  -8.800  1.00 0.36 ? 23 DT  C "C1'"  1 
ATOM   672 N N1     . DT  C 3 10 ? -6.283  -5.181  -8.185  1.00 0.39 ? 23 DT  C N1     1 
ATOM   673 C C2     . DT  C 3 10 ? -4.943  -5.604  -8.384  1.00 0.35 ? 23 DT  C C2     1 
ATOM   674 O O2     . DT  C 3 10 ? -4.169  -5.200  -9.250  1.00 0.35 ? 23 DT  C O2     1 
ATOM   675 N N3     . DT  C 3 10 ? -4.509  -6.554  -7.492  1.00 0.33 ? 23 DT  C N3     1 
ATOM   676 C C4     . DT  C 3 10 ? -5.215  -7.219  -6.520  1.00 0.36 ? 23 DT  C C4     1 
ATOM   677 O O4     . DT  C 3 10 ? -4.604  -8.014  -5.798  1.00 0.35 ? 23 DT  C O4     1 
ATOM   678 C C5     . DT  C 3 10 ? -6.641  -6.898  -6.482  1.00 0.43 ? 23 DT  C C5     1 
ATOM   679 C C7     . DT  C 3 10 ? -7.479  -7.764  -5.572  1.00 0.54 ? 23 DT  C C7     1 
ATOM   680 C C6     . DT  C 3 10 ? -7.102  -5.877  -7.266  1.00 0.43 ? 23 DT  C C6     1 
ATOM   681 H "H5'"  . DT  C 3 10 ? -8.354  -1.229  -6.459  1.00 0.66 ? 23 DT  C "H5'"  1 
ATOM   682 H "H5''" . DT  C 3 10 ? -9.357  -0.604  -7.727  1.00 0.87 ? 23 DT  C "H5''" 1 
ATOM   683 H "H4'"  . DT  C 3 10 ? -7.227  -0.935  -8.406  1.00 0.53 ? 23 DT  C "H4'"  1 
ATOM   684 H "H3'"  . DT  C 3 10 ? -9.317  -2.153  -9.885  1.00 0.79 ? 23 DT  C "H3'"  1 
ATOM   685 H "H2'"  . DT  C 3 10 ? -8.526  -4.503  -9.480  1.00 0.74 ? 23 DT  C "H2'"  1 
ATOM   686 H "H2''" . DT  C 3 10 ? -7.352  -4.103  -10.761 1.00 0.76 ? 23 DT  C "H2''" 1 
ATOM   687 H "H1'"  . DT  C 3 10 ? -5.669  -3.469  -9.178  1.00 0.37 ? 23 DT  C "H1'"  1 
ATOM   688 H H3     . DT  C 3 10 ? -3.527  -6.773  -7.561  1.00 0.29 ? 23 DT  C H3     1 
ATOM   689 H H71    . DT  C 3 10 ? -7.708  -7.471  -4.790  1.00 0.42 ? 23 DT  C H71    1 
ATOM   690 H H72    . DT  C 3 10 ? -7.134  -8.632  -5.431  1.00 0.48 ? 23 DT  C H72    1 
ATOM   691 H H73    . DT  C 3 10 ? -8.183  -7.972  -5.738  1.00 1.09 ? 23 DT  C H73    1 
ATOM   692 H H6     . DT  C 3 10 ? -8.132  -5.534  -7.239  1.00 0.49 ? 23 DT  C H6     1 
ATOM   693 P P      . DT  C 3 11 ? -7.825  -1.656  -12.308 1.00 0.91 ? 24 DT  C P      1 
ATOM   694 O OP1    . DT  C 3 11 ? -7.544  -0.379  -12.905 1.00 1.10 ? 24 DT  C OP1    1 
ATOM   695 O OP2    . DT  C 3 11 ? -9.140  -2.194  -12.556 1.00 1.13 ? 24 DT  C OP2    1 
ATOM   696 O "O5'"  . DT  C 3 11 ? -6.733  -2.688  -12.786 1.00 0.77 ? 24 DT  C "O5'"  1 
ATOM   697 C "C5'"  . DT  C 3 11 ? -5.446  -2.282  -13.188 1.00 0.83 ? 24 DT  C "C5'"  1 
ATOM   698 C "C4'"  . DT  C 3 11 ? -4.520  -3.406  -13.625 1.00 0.61 ? 24 DT  C "C4'"  1 
ATOM   699 O "O4'"  . DT  C 3 11 ? -4.399  -4.461  -12.625 1.00 0.37 ? 24 DT  C "O4'"  1 
ATOM   700 C "C3'"  . DT  C 3 11 ? -4.991  -4.126  -14.899 1.00 0.63 ? 24 DT  C "C3'"  1 
ATOM   701 O "O3'"  . DT  C 3 11 ? -3.864  -4.498  -15.657 1.00 0.66 ? 24 DT  C "O3'"  1 
ATOM   702 C "C2'"  . DT  C 3 11 ? -5.739  -5.335  -14.299 1.00 0.44 ? 24 DT  C "C2'"  1 
ATOM   703 C "C1'"  . DT  C 3 11 ? -4.717  -5.738  -13.208 1.00 0.36 ? 24 DT  C "C1'"  1 
ATOM   704 N N1     . DT  C 3 11 ? -5.073  -6.721  -12.094 1.00 0.34 ? 24 DT  C N1     1 
ATOM   705 C C2     . DT  C 3 11 ? -3.944  -7.336  -11.465 1.00 0.25 ? 24 DT  C C2     1 
ATOM   706 O O2     . DT  C 3 11 ? -2.768  -7.166  -11.762 1.00 0.21 ? 24 DT  C O2     1 
ATOM   707 N N3     . DT  C 3 11 ? -4.251  -8.211  -10.432 1.00 0.24 ? 24 DT  C N3     1 
ATOM   708 C C4     . DT  C 3 11 ? -5.493  -8.570  -9.947  1.00 0.30 ? 24 DT  C C4     1 
ATOM   709 O O4     . DT  C 3 11 ? -5.559  -9.358  -8.993  1.00 0.28 ? 24 DT  C O4     1 
ATOM   710 C C5     . DT  C 3 11 ? -6.617  -7.947  -10.635 1.00 0.41 ? 24 DT  C C5     1 
ATOM   711 C C7     . DT  C 3 11 ? -7.998  -8.346  -10.169 1.00 0.53 ? 24 DT  C C7     1 
ATOM   712 C C6     . DT  C 3 11 ? -6.373  -7.080  -11.657 1.00 0.43 ? 24 DT  C C6     1 
ATOM   713 H "H5'"  . DT  C 3 11 ? -4.919  -1.725  -12.415 1.00 0.95 ? 24 DT  C "H5'"  1 
ATOM   714 H "H5''" . DT  C 3 11 ? -5.560  -1.628  -14.034 1.00 1.04 ? 24 DT  C "H5''" 1 
ATOM   715 H "H4'"  . DT  C 3 11 ? -3.570  -2.894  -13.771 1.00 0.70 ? 24 DT  C "H4'"  1 
ATOM   716 H "H3'"  . DT  C 3 11 ? -5.625  -3.477  -15.507 1.00 0.79 ? 24 DT  C "H3'"  1 
ATOM   717 H "H2'"  . DT  C 3 11 ? -6.654  -4.982  -13.825 1.00 0.50 ? 24 DT  C "H2'"  1 
ATOM   718 H "H2''" . DT  C 3 11 ? -5.905  -6.064  -15.110 1.00 0.40 ? 24 DT  C "H2''" 1 
ATOM   719 H "H1'"  . DT  C 3 11 ? -3.789  -6.124  -13.672 1.00 0.34 ? 24 DT  C "H1'"  1 
ATOM   720 H H3     . DT  C 3 11 ? -3.466  -8.692  -10.019 1.00 0.20 ? 24 DT  C H3     1 
ATOM   721 H H71    . DT  C 3 11 ? -8.486  -8.896  -10.866 1.00 0.84 ? 24 DT  C H71    1 
ATOM   722 H H72    . DT  C 3 11 ? -7.993  -8.947  -9.322  1.00 0.23 ? 24 DT  C H72    1 
ATOM   723 H H73    . DT  C 3 11 ? -8.602  -7.564  -9.905  1.00 0.79 ? 24 DT  C H73    1 
ATOM   724 H H6     . DT  C 3 11 ? -7.230  -6.681  -12.182 1.00 0.53 ? 24 DT  C H6     1 
ATOM   725 P P      . DG  C 3 12 ? -3.824  -5.137  -17.088 1.00 0.68 ? 25 DG  C P      1 
ATOM   726 O OP1    . DG  C 3 12 ? -2.675  -4.628  -17.799 1.00 0.83 ? 25 DG  C OP1    1 
ATOM   727 O OP2    . DG  C 3 12 ? -5.093  -4.949  -17.726 1.00 0.84 ? 25 DG  C OP2    1 
ATOM   728 O "O5'"  . DG  C 3 12 ? -3.647  -6.643  -16.814 1.00 0.60 ? 25 DG  C "O5'"  1 
ATOM   729 C "C5'"  . DG  C 3 12 ? -2.841  -7.420  -17.479 1.00 1.13 ? 25 DG  C "C5'"  1 
ATOM   730 C "C4'"  . DG  C 3 12 ? -1.523  -7.899  -16.925 1.00 0.80 ? 25 DG  C "C4'"  1 
ATOM   731 O "O4'"  . DG  C 3 12 ? -1.675  -8.148  -15.526 1.00 0.48 ? 25 DG  C "O4'"  1 
ATOM   732 C "C3'"  . DG  C 3 12 ? -1.088  -9.200  -17.503 1.00 0.91 ? 25 DG  C "C3'"  1 
ATOM   733 O "O3'"  . DG  C 3 12 ? 0.326   -9.280  -17.557 1.00 0.81 ? 25 DG  C "O3'"  1 
ATOM   734 C "C2'"  . DG  C 3 12 ? -1.773  -10.158 -16.530 1.00 0.80 ? 25 DG  C "C2'"  1 
ATOM   735 C "C1'"  . DG  C 3 12 ? -1.571  -9.477  -15.234 1.00 0.43 ? 25 DG  C "C1'"  1 
ATOM   736 N N9     . DG  C 3 12 ? -2.575  -9.818  -14.203 1.00 0.35 ? 25 DG  C N9     1 
ATOM   737 C C8     . DG  C 3 12 ? -3.877  -9.439  -14.144 1.00 0.35 ? 25 DG  C C8     1 
ATOM   738 N N7     . DG  C 3 12 ? -4.571  -10.005 -13.181 1.00 0.29 ? 25 DG  C N7     1 
ATOM   739 C C5     . DG  C 3 12 ? -3.661  -10.832 -12.558 1.00 0.27 ? 25 DG  C C5     1 
ATOM   740 C C6     . DG  C 3 12 ? -3.833  -11.709 -11.468 1.00 0.22 ? 25 DG  C C6     1 
ATOM   741 O O6     . DG  C 3 12 ? -4.874  -11.918 -10.838 1.00 0.18 ? 25 DG  C O6     1 
ATOM   742 N N1     . DG  C 3 12 ? -2.647  -12.418 -11.188 1.00 0.24 ? 25 DG  C N1     1 
ATOM   743 C C2     . DG  C 3 12 ? -1.442  -12.288 -11.863 1.00 0.30 ? 25 DG  C C2     1 
ATOM   744 N N2     . DG  C 3 12 ? -0.487  -13.133 -11.478 1.00 0.32 ? 25 DG  C N2     1 
ATOM   745 N N3     . DG  C 3 12 ? -1.289  -11.409 -12.848 1.00 0.32 ? 25 DG  C N3     1 
ATOM   746 C C4     . DG  C 3 12 ? -2.412  -10.731 -13.169 1.00 0.31 ? 25 DG  C C4     1 
ATOM   747 H "H5'"  . DG  C 3 12 ? -2.635  -7.055  -18.277 1.00 1.61 ? 25 DG  C "H5'"  1 
ATOM   748 H "H5''" . DG  C 3 12 ? -3.393  -8.127  -17.662 1.00 1.55 ? 25 DG  C "H5''" 1 
ATOM   749 H "H4'"  . DG  C 3 12 ? -0.751  -7.127  -17.083 1.00 0.78 ? 25 DG  C "H4'"  1 
ATOM   750 H "H3'"  . DG  C 3 12 ? -1.484  -9.337  -18.487 1.00 1.19 ? 25 DG  C "H3'"  1 
ATOM   751 H "H2'"  . DG  C 3 12 ? -2.848  -10.245 -16.751 1.00 0.89 ? 25 DG  C "H2'"  1 
ATOM   752 H "H2''" . DG  C 3 12 ? -1.343  -11.142 -16.557 1.00 0.93 ? 25 DG  C "H2''" 1 
ATOM   753 H "H1'"  . DG  C 3 12 ? -0.565  -9.613  -14.871 1.00 0.35 ? 25 DG  C "H1'"  1 
ATOM   754 H H8     . DG  C 3 12 ? -4.244  -8.817  -14.952 1.00 0.43 ? 25 DG  C H8     1 
ATOM   755 H H1     . DG  C 3 12 ? -2.705  -13.108 -10.453 1.00 0.22 ? 25 DG  C H1     1 
ATOM   756 H H21    . DG  C 3 12 ? -0.535  -13.683 -10.843 1.00 0.76 ? 25 DG  C H21    1 
ATOM   757 H H22    . DG  C 3 12 ? 0.243   -13.251 -11.919 1.00 0.44 ? 25 DG  C H22    1 
ATOM   758 P P      . DG  C 3 13 ? 1.154   -10.530 -17.957 1.00 0.98 ? 26 DG  C P      1 
ATOM   759 O OP1    . DG  C 3 13 ? 2.506   -10.087 -18.293 1.00 1.05 ? 26 DG  C OP1    1 
ATOM   760 O OP2    . DG  C 3 13 ? 0.446   -11.303 -18.953 1.00 1.25 ? 26 DG  C OP2    1 
ATOM   761 O "O5'"  . DG  C 3 13 ? 1.182   -11.387 -16.630 1.00 0.85 ? 26 DG  C "O5'"  1 
ATOM   762 C "C5'"  . DG  C 3 13 ? 1.960   -11.001 -15.497 1.00 0.75 ? 26 DG  C "C5'"  1 
ATOM   763 C "C4'"  . DG  C 3 13 ? 2.531   -12.183 -14.706 1.00 0.83 ? 26 DG  C "C4'"  1 
ATOM   764 O "O4'"  . DG  C 3 13 ? 1.472   -12.972 -14.071 1.00 0.72 ? 26 DG  C "O4'"  1 
ATOM   765 C "C3'"  . DG  C 3 13 ? 3.329   -13.167 -15.540 1.00 1.07 ? 26 DG  C "C3'"  1 
ATOM   766 O "O3'"  . DG  C 3 13 ? 4.364   -13.776 -14.810 1.00 1.18 ? 26 DG  C "O3'"  1 
ATOM   767 C "C2'"  . DG  C 3 13 ? 2.275   -14.287 -15.861 1.00 1.11 ? 26 DG  C "C2'"  1 
ATOM   768 C "C1'"  . DG  C 3 13 ? 1.291   -14.246 -14.679 1.00 0.87 ? 26 DG  C "C1'"  1 
ATOM   769 N N9     . DG  C 3 13 ? -0.153  -14.421 -14.982 1.00 0.79 ? 26 DG  C N9     1 
ATOM   770 C C8     . DG  C 3 13 ? -0.912  -13.916 -15.976 1.00 0.87 ? 26 DG  C C8     1 
ATOM   771 N N7     . DG  C 3 13 ? -2.147  -14.333 -15.967 1.00 0.89 ? 26 DG  C N7     1 
ATOM   772 C C5     . DG  C 3 13 ? -2.244  -15.135 -14.864 1.00 0.77 ? 26 DG  C C5     1 
ATOM   773 C C6     . DG  C 3 13 ? -3.346  -15.835 -14.342 1.00 0.74 ? 26 DG  C C6     1 
ATOM   774 O O6     . DG  C 3 13 ? -4.459  -15.918 -14.819 1.00 0.87 ? 26 DG  C O6     1 
ATOM   775 N N1     . DG  C 3 13 ? -3.028  -16.502 -13.159 1.00 0.61 ? 26 DG  C N1     1 
ATOM   776 C C2     . DG  C 3 13 ? -1.799  -16.525 -12.572 1.00 0.60 ? 26 DG  C C2     1 
ATOM   777 N N2     . DG  C 3 13 ? -1.761  -17.214 -11.446 1.00 0.60 ? 26 DG  C N2     1 
ATOM   778 N N3     . DG  C 3 13 ? -0.758  -15.903 -13.111 1.00 0.67 ? 26 DG  C N3     1 
ATOM   779 C C4     . DG  C 3 13 ? -1.029  -15.212 -14.232 1.00 0.72 ? 26 DG  C C4     1 
ATOM   780 H "H5'"  . DG  C 3 13 ? 1.340   -10.410 -14.814 1.00 0.60 ? 26 DG  C "H5'"  1 
ATOM   781 H "H5''" . DG  C 3 13 ? 2.818   -10.374 -15.796 1.00 0.82 ? 26 DG  C "H5''" 1 
ATOM   782 H "H4'"  . DG  C 3 13 ? 3.171   -11.702 -13.965 1.00 0.85 ? 26 DG  C "H4'"  1 
ATOM   783 H "H3'"  . DG  C 3 13 ? 3.864   -12.557 -16.279 1.00 1.18 ? 26 DG  C "H3'"  1 
ATOM   784 H "H2'"  . DG  C 3 13 ? 1.690   -14.198 -16.766 1.00 1.18 ? 26 DG  C "H2'"  1 
ATOM   785 H "H2''" . DG  C 3 13 ? 2.712   -15.282 -15.912 1.00 1.29 ? 26 DG  C "H2''" 1 
ATOM   786 H "H1'"  . DG  C 3 13 ? 1.498   -15.029 -13.943 1.00 0.91 ? 26 DG  C "H1'"  1 
ATOM   787 H H8     . DG  C 3 13 ? -0.488  -13.212 -16.686 1.00 0.94 ? 26 DG  C H8     1 
ATOM   788 H H1     . DG  C 3 13 ? -3.768  -17.015 -12.711 1.00 0.58 ? 26 DG  C H1     1 
ATOM   789 H H21    . DG  C 3 13 ? -2.424  -17.550 -11.087 1.00 0.93 ? 26 DG  C H21    1 
ATOM   790 H H22    . DG  C 3 13 ? -1.081  -17.220 -10.884 1.00 0.63 ? 26 DG  C H22    1 
HETATM 791 P P      . PGA D 4 .  ? -1.161  5.325   -8.252  1.00 0.24 ? 7  PGA A P      1 
HETATM 792 O O1P    . PGA D 4 .  ? -2.175  6.034   -9.255  1.00 0.25 ? 7  PGA A O1P    1 
HETATM 793 O O2P    . PGA D 4 .  ? -1.351  5.786   -6.862  1.00 0.26 ? 7  PGA A O2P    1 
HETATM 794 O O3P    . PGA D 4 .  ? 0.207   5.450   -8.803  1.00 0.24 ? 7  PGA A O3P    1 
HETATM 795 C C2     . PGA D 4 .  ? -3.521  6.422   -8.925  1.00 0.24 ? 7  PGA A C2     1 
HETATM 796 C C1     . PGA D 4 .  ? -4.063  7.670   -9.646  1.00 0.26 ? 7  PGA A C1     1 
HETATM 797 O O1     . PGA D 4 .  ? -4.864  7.507   -10.585 1.00 0.27 ? 7  PGA A O1     1 
HETATM 798 O O2     . PGA D 4 .  ? -3.748  8.788   -9.225  1.00 0.31 ? 7  PGA A O2     1 
HETATM 799 H H21    . PGA D 4 .  ? -3.555  6.632   -7.857  1.00 0.00 ? 7  PGA A H21    1 
HETATM 800 H H22    . PGA D 4 .  ? -4.180  5.593   -9.184  1.00 0.00 ? 7  PGA A H22    1 
# 
